data_2WYU
#
_entry.id   2WYU
#
_cell.length_a   54.270
_cell.length_b   107.800
_cell.length_c   85.980
_cell.angle_alpha   90.00
_cell.angle_beta   95.89
_cell.angle_gamma   90.00
#
_symmetry.space_group_name_H-M   'P 1 21 1'
#
loop_
_entity.id
_entity.type
_entity.pdbx_description
1 polymer 'ENOYL-[ACYL CARRIER PROTEIN] REDUCTASE'
2 non-polymer GLYCEROL
3 non-polymer 'SODIUM ION'
4 water water
#
_entity_poly.entity_id   1
_entity_poly.type   'polypeptide(L)'
_entity_poly.pdbx_seq_one_letter_code
;MLTVDLSGKKALVMGVTNQRSLGFAIAAKLKEAGAEVALSYQAERLRPEAEKLAEALGGALLFRADVTQDEELDALFAGV
KEAFGGLDYLVHAIAFAPREAMEGRYIDTRRQDWLLALEVSAYSLVAVARRAEPLLREGGGIVTLTYYASEKVVPKYNVM
AIAKAALEASVRYLAYELGPKGVRVNAISAGPVRTVAARSIPGFTKMYDRVAQTAPLRRNITQEEVGNLGLFLLSPLASG
ITGEVVYVDAGYHIMGMELEG
;
_entity_poly.pdbx_strand_id   A,B,C,D
#
loop_
_chem_comp.id
_chem_comp.type
_chem_comp.name
_chem_comp.formula
GOL non-polymer GLYCEROL 'C3 H8 O3'
NA non-polymer 'SODIUM ION' 'Na 1'
#
# COMPACT_ATOMS: atom_id res chain seq x y z
N MET A 1 25.27 4.36 -27.53
CA MET A 1 25.37 4.64 -26.08
C MET A 1 24.62 5.91 -25.76
N LEU A 2 24.14 5.98 -24.53
CA LEU A 2 23.46 7.15 -24.02
C LEU A 2 24.35 7.71 -22.92
N THR A 3 24.36 9.03 -22.80
CA THR A 3 25.17 9.68 -21.78
C THR A 3 24.31 10.59 -20.88
N VAL A 4 24.57 10.52 -19.58
CA VAL A 4 23.99 11.42 -18.56
C VAL A 4 25.07 12.43 -18.19
N ASP A 5 24.92 13.66 -18.67
CA ASP A 5 25.91 14.71 -18.46
C ASP A 5 25.35 15.78 -17.54
N LEU A 6 25.79 15.78 -16.30
CA LEU A 6 25.32 16.77 -15.31
C LEU A 6 26.31 17.92 -15.10
N SER A 7 27.17 18.16 -16.08
CA SER A 7 28.03 19.34 -16.05
C SER A 7 27.23 20.60 -15.82
N GLY A 8 27.75 21.46 -14.96
CA GLY A 8 27.11 22.74 -14.69
C GLY A 8 26.04 22.63 -13.62
N LYS A 9 25.67 21.41 -13.24
CA LYS A 9 24.64 21.20 -12.21
C LYS A 9 25.26 21.26 -10.82
N LYS A 10 24.46 21.68 -9.85
CA LYS A 10 24.91 21.91 -8.48
C LYS A 10 24.07 21.11 -7.46
N ALA A 11 24.76 20.37 -6.59
CA ALA A 11 24.13 19.48 -5.58
C ALA A 11 24.58 19.91 -4.19
N LEU A 12 23.63 19.87 -3.26
CA LEU A 12 23.90 20.01 -1.82
C LEU A 12 23.53 18.67 -1.21
N VAL A 13 24.50 18.03 -0.54
CA VAL A 13 24.36 16.70 0.05
C VAL A 13 24.49 16.81 1.58
N MET A 14 23.45 16.40 2.31
CA MET A 14 23.35 16.63 3.75
C MET A 14 23.25 15.31 4.52
N GLY A 15 23.92 15.25 5.68
CA GLY A 15 23.87 14.11 6.57
C GLY A 15 25.00 13.14 6.48
N VAL A 16 25.98 13.43 5.61
CA VAL A 16 27.04 12.48 5.28
C VAL A 16 28.22 12.66 6.23
N THR A 17 28.65 11.57 6.83
CA THR A 17 29.77 11.58 7.80
C THR A 17 30.89 10.58 7.46
N ASN A 18 30.67 9.69 6.49
CA ASN A 18 31.59 8.57 6.26
C ASN A 18 31.42 8.13 4.82
N GLN A 19 32.48 7.63 4.20
CA GLN A 19 32.43 7.13 2.82
C GLN A 19 31.56 5.91 2.71
N ARG A 20 31.40 5.18 3.81
CA ARG A 20 30.52 4.01 3.85
C ARG A 20 29.18 4.48 4.35
N SER A 21 28.48 5.07 3.39
CA SER A 21 27.15 5.56 3.64
C SER A 21 26.44 5.66 2.29
N LEU A 22 25.11 5.62 2.36
CA LEU A 22 24.28 5.78 1.19
C LEU A 22 24.35 7.21 0.65
N GLY A 23 24.40 8.19 1.54
CA GLY A 23 24.58 9.60 1.16
C GLY A 23 25.84 9.85 0.36
N PHE A 24 26.94 9.30 0.86
CA PHE A 24 28.18 9.43 0.14
C PHE A 24 28.09 8.78 -1.25
N ALA A 25 27.49 7.59 -1.30
CA ALA A 25 27.37 6.86 -2.56
C ALA A 25 26.64 7.70 -3.62
N ILE A 26 25.57 8.39 -3.21
CA ILE A 26 24.87 9.27 -4.13
C ILE A 26 25.74 10.47 -4.54
N ALA A 27 26.40 11.09 -3.56
CA ALA A 27 27.30 12.18 -3.87
C ALA A 27 28.36 11.73 -4.89
N ALA A 28 28.91 10.55 -4.71
CA ALA A 28 29.96 10.06 -5.63
C ALA A 28 29.43 9.88 -7.02
N LYS A 29 28.23 9.31 -7.16
CA LYS A 29 27.64 9.19 -8.51
C LYS A 29 27.29 10.52 -9.15
N LEU A 30 26.85 11.50 -8.35
CA LEU A 30 26.66 12.84 -8.86
C LEU A 30 27.96 13.44 -9.43
N LYS A 31 29.05 13.24 -8.69
CA LYS A 31 30.37 13.75 -9.11
C LYS A 31 30.77 13.08 -10.41
N GLU A 32 30.59 11.77 -10.48
CA GLU A 32 30.96 11.03 -11.69
C GLU A 32 30.18 11.52 -12.89
N ALA A 33 28.92 11.90 -12.69
CA ALA A 33 28.08 12.34 -13.78
C ALA A 33 28.37 13.76 -14.18
N GLY A 34 29.18 14.47 -13.38
CA GLY A 34 29.65 15.82 -13.71
C GLY A 34 29.17 16.98 -12.87
N ALA A 35 28.33 16.68 -11.88
CA ALA A 35 27.79 17.75 -11.01
C ALA A 35 28.84 18.25 -10.03
N GLU A 36 28.69 19.48 -9.56
CA GLU A 36 29.48 20.00 -8.45
C GLU A 36 28.69 19.75 -7.16
N VAL A 37 29.41 19.35 -6.12
CA VAL A 37 28.81 18.97 -4.85
C VAL A 37 29.26 19.89 -3.72
N ALA A 38 28.33 20.29 -2.87
CA ALA A 38 28.62 20.89 -1.56
C ALA A 38 28.15 19.91 -0.51
N LEU A 39 28.95 19.69 0.53
CA LEU A 39 28.59 18.86 1.66
C LEU A 39 28.38 19.75 2.90
N SER A 40 27.29 19.50 3.62
CA SER A 40 27.16 20.03 4.96
C SER A 40 27.89 19.16 5.96
N TYR A 41 28.24 19.79 7.08
CA TYR A 41 28.79 19.09 8.24
C TYR A 41 28.21 19.71 9.51
N GLN A 42 28.07 18.90 10.56
CA GLN A 42 27.22 19.28 11.70
C GLN A 42 27.81 20.32 12.64
N ALA A 43 29.11 20.19 12.89
CA ALA A 43 29.83 20.90 13.98
C ALA A 43 31.26 21.15 13.54
N GLU A 44 31.85 22.24 14.01
CA GLU A 44 33.21 22.57 13.54
C GLU A 44 34.30 21.54 13.94
N ARG A 45 34.09 20.83 15.06
CA ARG A 45 35.04 19.78 15.45
C ARG A 45 35.08 18.66 14.42
N LEU A 46 34.09 18.60 13.53
CA LEU A 46 34.02 17.57 12.48
C LEU A 46 34.58 18.05 11.15
N ARG A 47 35.09 19.28 11.09
CA ARG A 47 35.67 19.79 9.85
C ARG A 47 36.75 18.85 9.24
N PRO A 48 37.65 18.28 10.07
CA PRO A 48 38.66 17.40 9.47
C PRO A 48 38.06 16.18 8.72
N GLU A 49 37.08 15.55 9.34
CA GLU A 49 36.32 14.45 8.76
C GLU A 49 35.69 14.90 7.44
N ALA A 50 35.07 16.07 7.44
CA ALA A 50 34.35 16.60 6.27
C ALA A 50 35.34 16.89 5.12
N GLU A 51 36.49 17.46 5.47
CA GLU A 51 37.55 17.69 4.50
C GLU A 51 38.01 16.38 3.83
N LYS A 52 38.16 15.31 4.61
CA LYS A 52 38.52 14.02 4.03
C LYS A 52 37.43 13.46 3.11
N LEU A 53 36.16 13.71 3.44
CA LEU A 53 35.08 13.36 2.49
C LEU A 53 35.15 14.15 1.18
N ALA A 54 35.42 15.45 1.28
CA ALA A 54 35.47 16.32 0.12
C ALA A 54 36.61 15.87 -0.80
N GLU A 55 37.75 15.53 -0.22
CA GLU A 55 38.87 15.05 -1.04
C GLU A 55 38.57 13.69 -1.66
N ALA A 56 37.88 12.80 -0.95
CA ALA A 56 37.47 11.49 -1.50
C ALA A 56 36.52 11.65 -2.67
N LEU A 57 35.77 12.75 -2.75
CA LEU A 57 34.87 13.05 -3.85
C LEU A 57 35.55 13.74 -5.04
N GLY A 58 36.84 14.05 -4.89
CA GLY A 58 37.55 14.88 -5.86
C GLY A 58 37.21 16.37 -5.81
N GLY A 59 36.78 16.81 -4.63
CA GLY A 59 36.53 18.22 -4.42
C GLY A 59 35.08 18.43 -4.10
N ALA A 60 34.82 19.18 -3.03
CA ALA A 60 33.47 19.59 -2.66
C ALA A 60 33.60 20.80 -1.76
N LEU A 61 32.64 21.71 -1.87
CA LEU A 61 32.54 22.84 -0.93
C LEU A 61 31.96 22.31 0.36
N LEU A 62 32.30 22.98 1.46
CA LEU A 62 31.88 22.57 2.79
C LEU A 62 31.18 23.69 3.49
N PHE A 63 30.08 23.34 4.17
CA PHE A 63 29.26 24.31 4.91
C PHE A 63 28.84 23.68 6.24
N ARG A 64 29.06 24.41 7.34
CA ARG A 64 28.64 24.00 8.66
C ARG A 64 27.19 24.32 8.96
N ALA A 65 26.40 23.34 9.36
CA ALA A 65 25.05 23.55 9.87
C ALA A 65 24.53 22.34 10.59
N ASP A 66 23.90 22.59 11.72
CA ASP A 66 23.13 21.58 12.47
C ASP A 66 21.65 21.79 12.11
N VAL A 67 20.99 20.72 11.66
CA VAL A 67 19.67 20.83 11.08
C VAL A 67 18.61 21.08 12.13
N THR A 68 18.97 21.11 13.42
CA THR A 68 18.01 21.47 14.48
C THR A 68 18.00 22.99 14.73
N GLN A 69 18.88 23.72 14.06
CA GLN A 69 19.08 25.17 14.29
C GLN A 69 18.69 25.97 13.08
N ASP A 70 17.54 26.60 13.18
CA ASP A 70 16.97 27.33 12.05
C ASP A 70 17.92 28.43 11.56
N GLU A 71 18.60 29.09 12.48
CA GLU A 71 19.54 30.17 12.08
C GLU A 71 20.71 29.64 11.28
N GLU A 72 21.22 28.49 11.69
CA GLU A 72 22.33 27.84 11.03
C GLU A 72 21.89 27.38 9.64
N LEU A 73 20.67 26.86 9.51
CA LEU A 73 20.18 26.48 8.17
C LEU A 73 20.01 27.71 7.25
N ASP A 74 19.55 28.83 7.80
CA ASP A 74 19.50 30.07 7.06
C ASP A 74 20.90 30.46 6.54
N ALA A 75 21.91 30.40 7.41
CA ALA A 75 23.27 30.77 7.01
C ALA A 75 23.80 29.80 5.96
N LEU A 76 23.53 28.50 6.15
CA LEU A 76 23.92 27.47 5.14
C LEU A 76 23.42 27.81 3.74
N PHE A 77 22.14 28.12 3.63
CA PHE A 77 21.51 28.39 2.35
C PHE A 77 21.94 29.74 1.76
N ALA A 78 22.23 30.71 2.62
CA ALA A 78 22.86 31.93 2.12
C ALA A 78 24.27 31.62 1.52
N GLY A 79 25.02 30.75 2.17
CA GLY A 79 26.35 30.38 1.68
C GLY A 79 26.30 29.63 0.37
N VAL A 80 25.37 28.69 0.31
CA VAL A 80 25.12 27.97 -0.92
C VAL A 80 24.68 28.90 -2.07
N LYS A 81 23.78 29.83 -1.79
CA LYS A 81 23.30 30.79 -2.80
C LYS A 81 24.49 31.62 -3.34
N GLU A 82 25.34 32.08 -2.44
CA GLU A 82 26.47 32.91 -2.82
C GLU A 82 27.46 32.11 -3.66
N ALA A 83 27.75 30.87 -3.24
CA ALA A 83 28.68 29.99 -3.95
C ALA A 83 28.19 29.53 -5.32
N PHE A 84 26.93 29.10 -5.40
CA PHE A 84 26.42 28.42 -6.61
C PHE A 84 25.46 29.26 -7.42
N GLY A 85 24.85 30.27 -6.79
CA GLY A 85 23.84 31.07 -7.45
C GLY A 85 22.47 30.44 -7.37
N GLY A 86 22.42 29.17 -7.67
CA GLY A 86 21.21 28.40 -7.54
C GLY A 86 21.56 27.00 -7.12
N LEU A 87 20.58 26.12 -7.23
CA LEU A 87 20.76 24.74 -6.86
C LEU A 87 19.91 23.92 -7.81
N ASP A 88 20.42 22.76 -8.16
CA ASP A 88 19.69 21.75 -8.93
C ASP A 88 19.23 20.58 -8.06
N TYR A 89 20.10 20.07 -7.17
CA TYR A 89 19.82 18.83 -6.42
C TYR A 89 20.09 18.98 -4.94
N LEU A 90 19.21 18.39 -4.13
CA LEU A 90 19.40 18.30 -2.71
C LEU A 90 19.25 16.84 -2.30
N VAL A 91 20.29 16.28 -1.68
CA VAL A 91 20.29 14.92 -1.19
C VAL A 91 20.16 14.96 0.32
N HIS A 92 19.03 14.48 0.82
CA HIS A 92 18.77 14.45 2.26
C HIS A 92 19.07 13.08 2.80
N ALA A 93 20.24 12.96 3.39
CA ALA A 93 20.73 11.72 3.96
C ALA A 93 20.95 11.87 5.46
N ILE A 94 20.03 12.58 6.12
CA ILE A 94 20.08 12.86 7.57
C ILE A 94 19.17 11.88 8.28
N ALA A 95 19.68 11.17 9.27
CA ALA A 95 18.88 10.30 10.10
C ALA A 95 19.53 10.19 11.48
N PHE A 96 18.71 10.25 12.52
CA PHE A 96 19.17 10.11 13.88
C PHE A 96 18.05 9.74 14.83
N ALA A 97 18.37 8.85 15.77
CA ALA A 97 17.54 8.63 16.92
C ALA A 97 18.46 8.35 18.11
N PRO A 98 18.13 8.91 19.29
CA PRO A 98 18.95 8.60 20.46
C PRO A 98 19.13 7.11 20.74
N ARG A 99 20.31 6.78 21.22
CA ARG A 99 20.58 5.40 21.57
C ARG A 99 19.52 4.79 22.50
N GLU A 100 19.08 5.53 23.52
CA GLU A 100 18.16 5.00 24.49
C GLU A 100 16.83 4.61 23.81
N ALA A 101 16.45 5.38 22.81
CA ALA A 101 15.22 5.11 22.06
C ALA A 101 15.36 3.81 21.24
N MET A 102 16.55 3.56 20.73
CA MET A 102 16.77 2.43 19.84
C MET A 102 17.04 1.13 20.60
N GLU A 103 17.50 1.23 21.85
CA GLU A 103 17.64 0.09 22.75
C GLU A 103 16.27 -0.25 23.35
N GLY A 104 15.99 -1.52 23.57
CA GLY A 104 14.66 -1.85 24.12
C GLY A 104 13.48 -1.58 23.17
N ARG A 105 12.32 -1.29 23.76
CA ARG A 105 11.02 -1.33 23.05
C ARG A 105 10.55 0.04 22.59
N TYR A 106 9.85 0.02 21.47
CA TYR A 106 9.25 1.27 20.98
C TYR A 106 8.29 1.86 22.01
N ILE A 107 7.50 1.03 22.64
CA ILE A 107 6.50 1.49 23.59
C ILE A 107 7.13 2.25 24.77
N ASP A 108 8.40 1.96 25.01
CA ASP A 108 9.13 2.56 26.15
C ASP A 108 9.89 3.82 25.73
N THR A 109 9.72 4.29 24.48
CA THR A 109 10.45 5.48 24.04
C THR A 109 10.09 6.72 24.87
N ARG A 110 11.10 7.43 25.36
CA ARG A 110 10.86 8.65 26.13
C ARG A 110 10.54 9.82 25.20
N ARG A 111 9.76 10.76 25.73
CA ARG A 111 9.18 11.87 24.99
C ARG A 111 10.24 12.71 24.27
N GLN A 112 11.27 13.16 24.99
CA GLN A 112 12.26 14.02 24.39
C GLN A 112 13.08 13.30 23.30
N ASP A 113 13.33 12.02 23.53
CA ASP A 113 14.06 11.16 22.59
C ASP A 113 13.25 10.97 21.32
N TRP A 114 11.96 10.72 21.48
CA TRP A 114 11.05 10.52 20.33
C TRP A 114 10.99 11.79 19.47
N LEU A 115 10.83 12.94 20.12
CA LEU A 115 10.72 14.20 19.43
C LEU A 115 12.01 14.54 18.70
N LEU A 116 13.17 14.25 19.31
CA LEU A 116 14.42 14.56 18.67
C LEU A 116 14.63 13.70 17.41
N ALA A 117 14.24 12.42 17.52
CA ALA A 117 14.35 11.54 16.37
C ALA A 117 13.48 12.04 15.23
N LEU A 118 12.23 12.39 15.52
CA LEU A 118 11.37 12.98 14.47
C LEU A 118 11.88 14.31 13.93
N GLU A 119 12.45 15.13 14.81
CA GLU A 119 12.98 16.44 14.44
C GLU A 119 14.13 16.32 13.46
N VAL A 120 15.10 15.48 13.81
CA VAL A 120 16.28 15.33 12.97
C VAL A 120 16.02 14.47 11.73
N SER A 121 15.24 13.40 11.87
CA SER A 121 15.06 12.45 10.78
C SER A 121 13.93 12.82 9.79
N ALA A 122 12.90 13.54 10.23
CA ALA A 122 11.75 13.87 9.36
C ALA A 122 11.58 15.39 9.14
N TYR A 123 11.48 16.15 10.24
CA TYR A 123 11.28 17.59 10.08
C TYR A 123 12.41 18.24 9.30
N SER A 124 13.62 17.72 9.44
CA SER A 124 14.74 18.29 8.70
C SER A 124 14.48 18.38 7.19
N LEU A 125 13.76 17.41 6.64
CA LEU A 125 13.48 17.44 5.18
C LEU A 125 12.65 18.67 4.85
N VAL A 126 11.66 18.97 5.69
CA VAL A 126 10.81 20.15 5.49
C VAL A 126 11.67 21.41 5.61
N ALA A 127 12.48 21.46 6.65
CA ALA A 127 13.31 22.63 6.94
C ALA A 127 14.21 22.96 5.77
N VAL A 128 14.84 21.95 5.18
CA VAL A 128 15.78 22.18 4.09
C VAL A 128 15.07 22.39 2.76
N ALA A 129 13.94 21.71 2.55
CA ALA A 129 13.15 21.93 1.34
C ALA A 129 12.65 23.39 1.26
N ARG A 130 12.19 23.93 2.37
CA ARG A 130 11.68 25.31 2.36
C ARG A 130 12.74 26.29 1.94
N ARG A 131 13.94 26.12 2.47
CA ARG A 131 15.05 27.01 2.16
C ARG A 131 15.63 26.75 0.77
N ALA A 132 15.61 25.50 0.29
CA ALA A 132 16.09 25.18 -1.05
C ALA A 132 15.16 25.71 -2.15
N GLU A 133 13.86 25.81 -1.85
CA GLU A 133 12.83 26.13 -2.83
C GLU A 133 13.16 27.33 -3.73
N PRO A 134 13.48 28.49 -3.15
CA PRO A 134 13.83 29.62 -4.02
C PRO A 134 15.13 29.47 -4.82
N LEU A 135 16.00 28.55 -4.43
CA LEU A 135 17.26 28.31 -5.11
C LEU A 135 17.09 27.27 -6.22
N LEU A 136 16.13 26.36 -6.07
CA LEU A 136 16.04 25.19 -6.95
C LEU A 136 15.51 25.56 -8.31
N ARG A 137 16.25 25.15 -9.33
CA ARG A 137 15.94 25.48 -10.71
C ARG A 137 14.97 24.42 -11.25
N GLU A 138 14.19 24.81 -12.25
CA GLU A 138 13.35 23.89 -12.97
C GLU A 138 14.17 22.65 -13.41
N GLY A 139 13.57 21.47 -13.25
CA GLY A 139 14.27 20.21 -13.49
C GLY A 139 14.99 19.68 -12.26
N GLY A 140 15.04 20.52 -11.23
CA GLY A 140 15.73 20.19 -10.00
C GLY A 140 14.97 19.18 -9.16
N GLY A 141 15.61 18.74 -8.08
CA GLY A 141 15.02 17.67 -7.27
C GLY A 141 15.63 17.51 -5.92
N ILE A 142 14.85 16.85 -5.07
CA ILE A 142 15.24 16.46 -3.74
C ILE A 142 15.04 14.96 -3.65
N VAL A 143 16.04 14.27 -3.11
CA VAL A 143 15.95 12.83 -2.81
C VAL A 143 16.31 12.57 -1.38
N THR A 144 15.57 11.65 -0.76
CA THR A 144 15.81 11.22 0.61
C THR A 144 15.84 9.70 0.68
N LEU A 145 16.20 9.16 1.84
CA LEU A 145 16.41 7.73 2.06
C LEU A 145 15.44 7.23 3.09
N THR A 146 14.99 6.00 2.89
CA THR A 146 14.04 5.37 3.81
C THR A 146 14.27 3.88 3.80
N TYR A 147 13.41 3.14 4.50
CA TYR A 147 13.50 1.70 4.58
C TYR A 147 12.15 1.09 4.96
N TYR A 148 12.02 -0.19 4.67
CA TYR A 148 10.80 -0.97 4.77
C TYR A 148 10.16 -0.93 6.14
N ALA A 149 10.97 -0.80 7.18
CA ALA A 149 10.43 -0.71 8.55
C ALA A 149 9.37 0.39 8.70
N SER A 150 9.31 1.37 7.79
CA SER A 150 8.25 2.39 7.80
C SER A 150 6.85 1.78 7.57
N GLU A 151 6.81 0.72 6.78
CA GLU A 151 5.59 0.09 6.32
C GLU A 151 5.25 -1.20 7.08
N LYS A 152 6.27 -1.98 7.52
CA LYS A 152 6.06 -3.26 8.16
C LYS A 152 6.93 -3.28 9.41
N VAL A 153 6.59 -4.10 10.38
CA VAL A 153 7.30 -4.10 11.66
C VAL A 153 8.62 -4.85 11.51
N VAL A 154 9.72 -4.14 11.69
CA VAL A 154 11.05 -4.78 11.76
C VAL A 154 11.52 -4.56 13.21
N PRO A 155 11.63 -5.65 13.99
CA PRO A 155 11.98 -5.52 15.39
C PRO A 155 13.22 -4.68 15.61
N LYS A 156 13.12 -3.81 16.59
CA LYS A 156 14.21 -2.97 17.05
C LYS A 156 14.64 -1.88 16.09
N TYR A 157 13.77 -1.52 15.15
CA TYR A 157 13.97 -0.28 14.38
C TYR A 157 13.27 0.87 15.08
N ASN A 158 12.29 0.52 15.90
CA ASN A 158 11.68 1.48 16.84
C ASN A 158 11.35 2.85 16.25
N VAL A 159 11.73 3.96 16.91
CA VAL A 159 11.28 5.29 16.45
C VAL A 159 11.81 5.61 15.06
N MET A 160 12.94 5.04 14.65
CA MET A 160 13.40 5.32 13.31
C MET A 160 12.37 4.88 12.24
N ALA A 161 11.65 3.82 12.50
CA ALA A 161 10.60 3.35 11.59
C ALA A 161 9.51 4.40 11.48
N ILE A 162 9.11 4.94 12.64
CA ILE A 162 8.04 5.91 12.70
C ILE A 162 8.51 7.21 12.02
N ALA A 163 9.75 7.59 12.23
CA ALA A 163 10.29 8.80 11.58
C ALA A 163 10.29 8.61 10.06
N LYS A 164 10.65 7.43 9.59
CA LYS A 164 10.66 7.13 8.13
C LYS A 164 9.24 7.18 7.56
N ALA A 165 8.26 6.72 8.31
CA ALA A 165 6.85 6.86 7.88
C ALA A 165 6.49 8.35 7.72
N ALA A 166 6.85 9.16 8.71
CA ALA A 166 6.66 10.63 8.64
C ALA A 166 7.41 11.24 7.47
N LEU A 167 8.61 10.75 7.21
CA LEU A 167 9.43 11.25 6.12
C LEU A 167 8.79 10.92 4.78
N GLU A 168 8.31 9.69 4.58
CA GLU A 168 7.66 9.32 3.31
C GLU A 168 6.38 10.16 3.03
N ALA A 169 5.56 10.35 4.06
CA ALA A 169 4.38 11.22 3.91
C ALA A 169 4.81 12.65 3.53
N SER A 170 5.89 13.10 4.13
CA SER A 170 6.45 14.45 3.83
C SER A 170 6.88 14.53 2.36
N VAL A 171 7.48 13.47 1.82
CA VAL A 171 7.88 13.41 0.43
C VAL A 171 6.69 13.66 -0.50
N ARG A 172 5.56 13.04 -0.20
CA ARG A 172 4.38 13.17 -1.02
C ARG A 172 3.87 14.63 -0.97
N TYR A 173 3.75 15.19 0.22
CA TYR A 173 3.25 16.59 0.34
C TYR A 173 4.22 17.57 -0.30
N LEU A 174 5.52 17.38 -0.13
CA LEU A 174 6.50 18.27 -0.71
C LEU A 174 6.49 18.16 -2.24
N ALA A 175 6.30 16.94 -2.77
CA ALA A 175 6.22 16.75 -4.23
C ALA A 175 5.06 17.54 -4.79
N TYR A 176 3.95 17.50 -4.08
CA TYR A 176 2.75 18.26 -4.46
C TYR A 176 3.06 19.76 -4.46
N GLU A 177 3.79 20.21 -3.45
CA GLU A 177 4.02 21.67 -3.31
C GLU A 177 5.11 22.19 -4.20
N LEU A 178 6.13 21.39 -4.51
CA LEU A 178 7.27 21.86 -5.32
C LEU A 178 7.08 21.56 -6.82
N GLY A 179 6.16 20.64 -7.14
CA GLY A 179 6.00 20.19 -8.53
C GLY A 179 5.62 21.30 -9.50
N PRO A 180 4.76 22.25 -9.07
CA PRO A 180 4.43 23.30 -10.06
C PRO A 180 5.62 24.14 -10.53
N LYS A 181 6.67 24.25 -9.72
CA LYS A 181 7.94 24.91 -10.08
C LYS A 181 8.81 24.02 -10.94
N GLY A 182 8.40 22.77 -11.17
CA GLY A 182 9.20 21.80 -11.92
C GLY A 182 10.27 21.08 -11.12
N VAL A 183 10.05 21.02 -9.81
CA VAL A 183 10.97 20.39 -8.90
C VAL A 183 10.36 19.06 -8.39
N ARG A 184 11.14 18.00 -8.44
CA ARG A 184 10.68 16.64 -8.07
C ARG A 184 11.21 16.24 -6.68
N VAL A 185 10.47 15.38 -6.01
CA VAL A 185 10.83 14.93 -4.65
C VAL A 185 10.51 13.47 -4.59
N ASN A 186 11.50 12.67 -4.21
CA ASN A 186 11.35 11.21 -4.15
C ASN A 186 12.15 10.60 -2.98
N ALA A 187 11.79 9.39 -2.56
CA ALA A 187 12.50 8.65 -1.54
C ALA A 187 13.05 7.35 -2.11
N ILE A 188 14.23 6.96 -1.65
CA ILE A 188 14.77 5.69 -2.03
C ILE A 188 14.65 4.80 -0.82
N SER A 189 13.91 3.72 -0.96
CA SER A 189 13.83 2.70 0.11
C SER A 189 14.87 1.60 -0.05
N ALA A 190 15.98 1.76 0.66
CA ALA A 190 17.13 0.84 0.49
C ALA A 190 16.98 -0.36 1.35
N GLY A 191 17.43 -1.50 0.83
CA GLY A 191 17.69 -2.62 1.68
C GLY A 191 18.85 -2.32 2.62
N PRO A 192 19.09 -3.26 3.56
CA PRO A 192 20.17 -3.07 4.53
C PRO A 192 21.53 -3.09 3.84
N VAL A 193 22.34 -2.10 4.17
CA VAL A 193 23.67 -1.97 3.64
C VAL A 193 24.54 -1.71 4.86
N ARG A 194 25.71 -2.35 4.91
CA ARG A 194 26.63 -2.16 6.02
C ARG A 194 27.25 -0.78 5.91
N THR A 195 26.67 0.15 6.67
CA THR A 195 27.09 1.55 6.66
C THR A 195 27.41 1.92 8.11
N VAL A 196 27.90 3.13 8.34
CA VAL A 196 28.12 3.60 9.70
C VAL A 196 26.78 3.77 10.42
N ALA A 197 25.76 4.19 9.68
CA ALA A 197 24.46 4.37 10.29
C ALA A 197 23.92 3.03 10.79
N ALA A 198 24.19 1.95 10.04
CA ALA A 198 23.73 0.57 10.38
C ALA A 198 24.11 0.15 11.81
N ARG A 199 25.25 0.63 12.28
CA ARG A 199 25.73 0.32 13.64
C ARG A 199 24.81 0.76 14.78
N SER A 200 24.04 1.83 14.55
CA SER A 200 23.13 2.39 15.56
C SER A 200 21.71 1.83 15.52
N ILE A 201 21.46 0.85 14.65
CA ILE A 201 20.17 0.18 14.59
C ILE A 201 20.35 -1.25 15.08
N PRO A 202 19.85 -1.52 16.30
CA PRO A 202 19.94 -2.86 16.89
C PRO A 202 19.27 -3.95 16.07
N GLY A 203 18.21 -3.59 15.35
CA GLY A 203 17.50 -4.56 14.52
C GLY A 203 18.15 -4.84 13.16
N PHE A 204 19.19 -4.08 12.82
CA PHE A 204 19.85 -4.21 11.50
C PHE A 204 20.37 -5.60 11.16
N THR A 205 21.10 -6.20 12.09
CA THR A 205 21.83 -7.43 11.79
C THR A 205 20.88 -8.61 11.45
N LYS A 206 19.74 -8.69 12.14
CA LYS A 206 18.71 -9.73 11.87
C LYS A 206 18.17 -9.56 10.45
N MET A 207 17.95 -8.30 10.05
CA MET A 207 17.46 -8.01 8.69
C MET A 207 18.52 -8.30 7.61
N TYR A 208 19.76 -7.89 7.84
CA TYR A 208 20.82 -8.09 6.89
C TYR A 208 21.00 -9.56 6.54
N ASP A 209 20.95 -10.39 7.59
CA ASP A 209 21.06 -11.85 7.44
C ASP A 209 19.88 -12.40 6.67
N ARG A 210 18.68 -11.91 7.01
CA ARG A 210 17.44 -12.39 6.42
C ARG A 210 17.36 -12.08 4.93
N VAL A 211 17.76 -10.87 4.52
CA VAL A 211 17.70 -10.48 3.12
C VAL A 211 18.54 -11.40 2.21
N ALA A 212 19.80 -11.62 2.59
CA ALA A 212 20.68 -12.46 1.80
C ALA A 212 20.11 -13.88 1.63
N GLN A 213 19.46 -14.38 2.67
CA GLN A 213 18.85 -15.71 2.72
C GLN A 213 17.55 -15.82 1.93
N THR A 214 16.76 -14.75 1.85
CA THR A 214 15.38 -14.88 1.39
C THR A 214 14.96 -13.92 0.26
N ALA A 215 15.73 -12.88 -0.02
CA ALA A 215 15.40 -11.98 -1.15
C ALA A 215 15.44 -12.71 -2.51
N PRO A 216 14.62 -12.28 -3.46
CA PRO A 216 14.68 -12.80 -4.83
C PRO A 216 16.11 -12.95 -5.40
N LEU A 217 16.97 -11.97 -5.24
CA LEU A 217 18.34 -12.03 -5.81
C LEU A 217 19.30 -12.82 -4.89
N ARG A 218 18.84 -13.22 -3.71
CA ARG A 218 19.62 -14.02 -2.73
C ARG A 218 20.95 -13.35 -2.38
N ARG A 219 20.88 -12.04 -2.17
CA ARG A 219 22.02 -11.26 -1.81
C ARG A 219 21.53 -9.93 -1.30
N ASN A 220 22.39 -9.26 -0.54
CA ASN A 220 22.15 -7.89 -0.18
C ASN A 220 22.55 -6.94 -1.30
N ILE A 221 21.95 -5.75 -1.26
CA ILE A 221 22.32 -4.69 -2.17
C ILE A 221 23.63 -4.00 -1.69
N THR A 222 24.16 -3.16 -2.56
CA THR A 222 25.38 -2.38 -2.30
C THR A 222 25.07 -0.91 -2.21
N GLN A 223 25.94 -0.10 -1.58
CA GLN A 223 25.72 1.35 -1.58
C GLN A 223 25.77 1.94 -3.01
N GLU A 224 26.56 1.35 -3.91
CA GLU A 224 26.62 1.82 -5.29
C GLU A 224 25.26 1.66 -5.96
N GLU A 225 24.55 0.60 -5.62
CA GLU A 225 23.21 0.38 -6.20
C GLU A 225 22.27 1.47 -5.75
N VAL A 226 22.39 1.87 -4.49
CA VAL A 226 21.60 3.03 -4.01
C VAL A 226 22.05 4.32 -4.69
N GLY A 227 23.37 4.50 -4.83
CA GLY A 227 23.94 5.64 -5.54
C GLY A 227 23.42 5.81 -6.96
N ASN A 228 23.34 4.70 -7.71
CA ASN A 228 22.84 4.72 -9.08
C ASN A 228 21.35 5.08 -9.17
N LEU A 229 20.56 4.58 -8.21
CA LEU A 229 19.13 4.94 -8.18
C LEU A 229 18.98 6.43 -7.84
N GLY A 230 19.78 6.92 -6.90
CA GLY A 230 19.73 8.34 -6.61
C GLY A 230 20.13 9.22 -7.77
N LEU A 231 21.17 8.86 -8.48
CA LEU A 231 21.61 9.56 -9.66
C LEU A 231 20.49 9.54 -10.70
N PHE A 232 19.90 8.37 -10.94
CA PHE A 232 18.79 8.30 -11.93
C PHE A 232 17.67 9.24 -11.56
N LEU A 233 17.23 9.18 -10.31
CA LEU A 233 16.09 9.98 -9.86
C LEU A 233 16.32 11.49 -9.98
N LEU A 234 17.53 11.94 -9.75
CA LEU A 234 17.86 13.38 -9.87
C LEU A 234 18.07 13.83 -11.33
N SER A 235 18.50 12.88 -12.16
CA SER A 235 18.85 13.14 -13.54
C SER A 235 17.61 13.43 -14.37
N PRO A 236 17.79 14.03 -15.58
CA PRO A 236 16.62 14.22 -16.45
C PRO A 236 15.99 12.93 -16.96
N LEU A 237 16.67 11.80 -16.83
CA LEU A 237 16.09 10.50 -17.23
C LEU A 237 14.86 10.20 -16.42
N ALA A 238 14.77 10.72 -15.21
CA ALA A 238 13.61 10.48 -14.34
C ALA A 238 12.62 11.64 -14.31
N SER A 239 12.58 12.47 -15.38
CA SER A 239 11.81 13.70 -15.38
C SER A 239 10.31 13.53 -15.14
N GLY A 240 9.80 12.32 -15.37
CA GLY A 240 8.39 12.02 -15.16
C GLY A 240 8.02 11.50 -13.79
N ILE A 241 9.01 11.38 -12.90
CA ILE A 241 8.84 10.61 -11.66
C ILE A 241 8.92 11.53 -10.45
N THR A 242 7.85 11.62 -9.66
CA THR A 242 7.85 12.45 -8.47
C THR A 242 6.86 11.89 -7.44
N GLY A 243 7.21 12.15 -6.17
CA GLY A 243 6.42 11.72 -5.02
C GLY A 243 6.48 10.22 -4.69
N GLU A 244 7.47 9.53 -5.26
CA GLU A 244 7.59 8.10 -5.19
C GLU A 244 8.53 7.64 -4.08
N VAL A 245 8.25 6.45 -3.57
CA VAL A 245 9.17 5.67 -2.76
C VAL A 245 9.60 4.48 -3.61
N VAL A 246 10.84 4.49 -4.09
CA VAL A 246 11.34 3.46 -4.98
C VAL A 246 12.27 2.52 -4.21
N TYR A 247 11.97 1.22 -4.23
CA TYR A 247 12.73 0.24 -3.47
C TYR A 247 13.93 -0.26 -4.25
N VAL A 248 15.06 -0.26 -3.58
CA VAL A 248 16.28 -0.94 -4.12
C VAL A 248 16.72 -1.89 -3.02
N ASP A 249 16.14 -3.07 -3.05
CA ASP A 249 16.34 -4.03 -1.96
C ASP A 249 16.47 -5.51 -2.34
N ALA A 250 16.91 -5.74 -3.59
CA ALA A 250 17.03 -7.14 -4.10
C ALA A 250 15.70 -7.89 -4.09
N GLY A 251 14.60 -7.13 -4.02
CA GLY A 251 13.26 -7.64 -3.98
C GLY A 251 12.73 -8.08 -2.62
N TYR A 252 13.49 -7.87 -1.54
CA TYR A 252 13.08 -8.36 -0.24
C TYR A 252 11.64 -8.08 0.18
N HIS A 253 11.24 -6.82 0.00
CA HIS A 253 10.00 -6.36 0.60
C HIS A 253 8.76 -6.96 -0.12
N ILE A 254 8.93 -7.58 -1.29
CA ILE A 254 7.82 -8.24 -1.96
C ILE A 254 7.53 -9.61 -1.37
N MET A 255 8.42 -10.14 -0.52
CA MET A 255 8.29 -11.52 -0.08
C MET A 255 7.35 -11.66 1.10
N GLY A 256 6.67 -12.80 1.14
CA GLY A 256 5.83 -13.15 2.26
C GLY A 256 6.59 -14.08 3.16
N MET B 1 30.68 12.64 -16.69
CA MET B 1 29.46 12.05 -17.35
C MET B 1 29.28 10.57 -17.08
N LEU B 2 28.02 10.18 -17.01
CA LEU B 2 27.61 8.79 -16.94
C LEU B 2 27.31 8.30 -18.35
N THR B 3 27.84 7.16 -18.74
CA THR B 3 27.44 6.57 -20.02
C THR B 3 26.73 5.24 -19.79
N VAL B 4 25.69 4.97 -20.57
CA VAL B 4 24.97 3.69 -20.56
C VAL B 4 25.23 3.06 -21.95
N ASP B 5 26.04 2.02 -21.94
CA ASP B 5 26.47 1.30 -23.15
C ASP B 5 25.97 -0.17 -23.16
N LEU B 6 24.98 -0.41 -23.99
CA LEU B 6 24.33 -1.71 -24.11
C LEU B 6 24.67 -2.39 -25.43
N SER B 7 25.75 -1.96 -26.06
CA SER B 7 26.29 -2.70 -27.21
C SER B 7 26.57 -4.16 -26.82
N GLY B 8 26.22 -5.09 -27.69
CA GLY B 8 26.26 -6.52 -27.40
C GLY B 8 25.09 -7.15 -26.66
N LYS B 9 24.18 -6.31 -26.19
CA LYS B 9 23.00 -6.80 -25.50
C LYS B 9 21.89 -7.02 -26.50
N LYS B 10 21.03 -7.98 -26.18
CA LYS B 10 19.95 -8.44 -27.04
C LYS B 10 18.60 -8.27 -26.36
N ALA B 11 17.66 -7.61 -27.02
CA ALA B 11 16.33 -7.38 -26.47
C ALA B 11 15.25 -7.96 -27.40
N LEU B 12 14.22 -8.52 -26.78
CA LEU B 12 13.00 -8.92 -27.47
C LEU B 12 11.89 -8.02 -26.96
N VAL B 13 11.22 -7.34 -27.86
CA VAL B 13 10.18 -6.39 -27.51
C VAL B 13 8.85 -6.86 -28.11
N MET B 14 7.88 -7.12 -27.23
CA MET B 14 6.60 -7.73 -27.57
C MET B 14 5.42 -6.82 -27.31
N GLY B 15 4.44 -6.85 -28.23
CA GLY B 15 3.23 -6.06 -28.07
C GLY B 15 3.20 -4.72 -28.76
N VAL B 16 4.23 -4.39 -29.54
CA VAL B 16 4.35 -3.10 -30.21
C VAL B 16 3.62 -3.12 -31.54
N THR B 17 2.62 -2.29 -31.70
CA THR B 17 1.91 -2.26 -32.97
C THR B 17 2.01 -0.92 -33.69
N ASN B 18 2.52 0.10 -33.01
CA ASN B 18 2.71 1.42 -33.63
C ASN B 18 3.75 2.22 -32.85
N GLN B 19 4.13 3.38 -33.38
CA GLN B 19 5.23 4.17 -32.79
C GLN B 19 4.84 4.89 -31.54
N ARG B 20 3.55 4.98 -31.27
CA ARG B 20 3.07 5.56 -30.01
C ARG B 20 3.06 4.54 -28.87
N SER B 21 3.28 3.26 -29.15
CA SER B 21 3.45 2.24 -28.10
C SER B 21 4.51 2.68 -27.05
N LEU B 22 4.20 2.53 -25.78
CA LEU B 22 5.22 2.71 -24.75
C LEU B 22 6.34 1.69 -24.95
N GLY B 23 5.98 0.51 -25.45
CA GLY B 23 6.97 -0.45 -25.85
C GLY B 23 7.95 0.05 -26.93
N PHE B 24 7.43 0.79 -27.91
CA PHE B 24 8.29 1.36 -28.94
C PHE B 24 9.25 2.33 -28.29
N ALA B 25 8.74 3.15 -27.37
CA ALA B 25 9.59 4.10 -26.63
C ALA B 25 10.78 3.41 -25.97
N ILE B 26 10.53 2.28 -25.33
CA ILE B 26 11.59 1.54 -24.63
C ILE B 26 12.56 0.91 -25.63
N ALA B 27 12.02 0.34 -26.71
CA ALA B 27 12.87 -0.25 -27.77
C ALA B 27 13.82 0.82 -28.37
N ALA B 28 13.29 2.04 -28.56
CA ALA B 28 14.02 3.16 -29.15
C ALA B 28 15.18 3.53 -28.25
N LYS B 29 14.94 3.61 -26.94
CA LYS B 29 16.05 3.85 -26.00
C LYS B 29 17.06 2.73 -25.92
N LEU B 30 16.60 1.48 -26.00
CA LEU B 30 17.51 0.37 -26.03
C LEU B 30 18.42 0.46 -27.28
N LYS B 31 17.85 0.69 -28.46
CA LYS B 31 18.62 0.91 -29.70
C LYS B 31 19.64 2.04 -29.49
N GLU B 32 19.17 3.16 -28.96
CA GLU B 32 20.02 4.33 -28.80
C GLU B 32 21.21 3.98 -27.89
N ALA B 33 20.97 3.15 -26.87
CA ALA B 33 21.99 2.75 -25.91
C ALA B 33 22.94 1.70 -26.49
N GLY B 34 22.58 1.11 -27.63
CA GLY B 34 23.47 0.20 -28.35
C GLY B 34 23.03 -1.24 -28.50
N ALA B 35 21.86 -1.57 -27.97
CA ALA B 35 21.41 -2.96 -28.01
C ALA B 35 20.86 -3.30 -29.40
N GLU B 36 20.82 -4.59 -29.68
CA GLU B 36 20.08 -5.12 -30.86
C GLU B 36 18.71 -5.60 -30.39
N VAL B 37 17.69 -5.34 -31.22
CA VAL B 37 16.30 -5.54 -30.89
C VAL B 37 15.63 -6.50 -31.87
N ALA B 38 14.80 -7.39 -31.32
CA ALA B 38 13.85 -8.21 -32.08
C ALA B 38 12.45 -7.76 -31.68
N LEU B 39 11.57 -7.63 -32.64
CA LEU B 39 10.18 -7.26 -32.42
C LEU B 39 9.30 -8.43 -32.82
N SER B 40 8.38 -8.81 -31.96
CA SER B 40 7.35 -9.75 -32.35
C SER B 40 6.20 -9.03 -33.02
N TYR B 41 5.49 -9.78 -33.85
CA TYR B 41 4.26 -9.27 -34.45
C TYR B 41 3.28 -10.44 -34.48
N GLN B 42 1.99 -10.12 -34.42
CA GLN B 42 0.98 -11.13 -34.09
C GLN B 42 0.66 -12.14 -35.18
N ALA B 43 0.67 -11.67 -36.42
CA ALA B 43 0.18 -12.47 -37.53
C ALA B 43 0.72 -11.91 -38.82
N GLU B 44 0.75 -12.74 -39.86
CA GLU B 44 1.44 -12.35 -41.09
C GLU B 44 0.82 -11.12 -41.76
N ARG B 45 -0.49 -10.94 -41.59
N ARG B 45 -0.49 -10.94 -41.59
CA ARG B 45 -1.20 -9.74 -42.09
CA ARG B 45 -1.20 -9.76 -42.09
C ARG B 45 -0.64 -8.43 -41.54
C ARG B 45 -0.64 -8.44 -41.53
N LEU B 46 -0.03 -8.51 -40.36
CA LEU B 46 0.57 -7.34 -39.72
C LEU B 46 2.09 -7.18 -40.01
N ARG B 47 2.65 -8.01 -40.89
CA ARG B 47 4.07 -7.91 -41.14
C ARG B 47 4.48 -6.57 -41.74
N PRO B 48 3.64 -6.00 -42.63
CA PRO B 48 4.02 -4.69 -43.16
C PRO B 48 4.22 -3.62 -42.08
N GLU B 49 3.34 -3.57 -41.09
CA GLU B 49 3.48 -2.55 -40.07
C GLU B 49 4.72 -2.84 -39.22
N ALA B 50 4.99 -4.12 -38.98
CA ALA B 50 6.17 -4.56 -38.23
C ALA B 50 7.44 -4.15 -38.95
N GLU B 51 7.46 -4.29 -40.27
CA GLU B 51 8.59 -3.85 -41.07
C GLU B 51 8.82 -2.34 -40.95
N LYS B 52 7.72 -1.59 -40.95
CA LYS B 52 7.80 -0.14 -40.78
C LYS B 52 8.40 0.25 -39.40
N LEU B 53 7.91 -0.40 -38.35
CA LEU B 53 8.45 -0.21 -37.00
C LEU B 53 9.94 -0.58 -36.91
N ALA B 54 10.35 -1.69 -37.52
CA ALA B 54 11.77 -2.05 -37.55
C ALA B 54 12.62 -0.98 -38.22
N GLU B 55 12.12 -0.43 -39.34
CA GLU B 55 12.83 0.66 -40.03
C GLU B 55 12.85 1.94 -39.18
N ALA B 56 11.76 2.24 -38.51
CA ALA B 56 11.69 3.39 -37.58
C ALA B 56 12.71 3.29 -36.43
N LEU B 57 13.07 2.08 -36.02
CA LEU B 57 14.07 1.86 -35.01
C LEU B 57 15.50 1.88 -35.55
N GLY B 58 15.68 2.02 -36.85
CA GLY B 58 17.00 1.95 -37.45
C GLY B 58 17.46 0.51 -37.66
N GLY B 59 16.52 -0.45 -37.66
CA GLY B 59 16.85 -1.87 -37.87
C GLY B 59 16.50 -2.74 -36.67
N ALA B 60 15.76 -3.81 -36.95
CA ALA B 60 15.38 -4.80 -35.94
C ALA B 60 15.01 -6.06 -36.66
N LEU B 61 15.07 -7.16 -35.94
CA LEU B 61 14.70 -8.46 -36.43
C LEU B 61 13.24 -8.69 -36.08
N LEU B 62 12.49 -9.36 -36.96
CA LEU B 62 11.07 -9.61 -36.75
C LEU B 62 10.79 -11.08 -36.55
N PHE B 63 9.82 -11.40 -35.68
CA PHE B 63 9.34 -12.77 -35.51
C PHE B 63 7.82 -12.74 -35.36
N ARG B 64 7.16 -13.68 -36.02
CA ARG B 64 5.72 -13.84 -35.88
C ARG B 64 5.33 -14.77 -34.72
N ALA B 65 4.49 -14.27 -33.81
CA ALA B 65 3.85 -15.11 -32.79
C ALA B 65 2.64 -14.42 -32.16
N ASP B 66 1.56 -15.19 -32.01
CA ASP B 66 0.36 -14.77 -31.28
C ASP B 66 0.53 -15.35 -29.87
N VAL B 67 0.44 -14.49 -28.83
CA VAL B 67 0.75 -14.90 -27.46
C VAL B 67 -0.28 -15.83 -26.82
N THR B 68 -1.40 -16.04 -27.50
CA THR B 68 -2.34 -17.09 -27.08
C THR B 68 -1.96 -18.49 -27.57
N GLN B 69 -0.96 -18.57 -28.44
CA GLN B 69 -0.58 -19.86 -29.04
C GLN B 69 0.78 -20.35 -28.59
N ASP B 70 0.77 -21.37 -27.73
CA ASP B 70 1.96 -21.89 -27.12
C ASP B 70 3.02 -22.39 -28.12
N GLU B 71 2.58 -23.06 -29.19
CA GLU B 71 3.53 -23.52 -30.24
C GLU B 71 4.22 -22.33 -30.89
N GLU B 72 3.46 -21.27 -31.12
CA GLU B 72 3.99 -20.08 -31.81
C GLU B 72 4.97 -19.36 -30.91
N LEU B 73 4.71 -19.31 -29.61
CA LEU B 73 5.72 -18.83 -28.66
C LEU B 73 6.96 -19.73 -28.67
N ASP B 74 6.78 -21.06 -28.76
CA ASP B 74 7.94 -21.94 -28.80
C ASP B 74 8.80 -21.63 -30.02
N ALA B 75 8.15 -21.43 -31.16
CA ALA B 75 8.83 -21.16 -32.46
C ALA B 75 9.55 -19.81 -32.38
N LEU B 76 8.92 -18.83 -31.70
CA LEU B 76 9.51 -17.50 -31.53
C LEU B 76 10.82 -17.62 -30.78
N PHE B 77 10.80 -18.32 -29.66
CA PHE B 77 11.96 -18.42 -28.85
C PHE B 77 13.05 -19.30 -29.45
N ALA B 78 12.67 -20.29 -30.25
CA ALA B 78 13.66 -21.04 -31.05
C ALA B 78 14.35 -20.11 -32.06
N GLY B 79 13.57 -19.26 -32.72
CA GLY B 79 14.08 -18.21 -33.64
C GLY B 79 15.01 -17.23 -32.96
N VAL B 80 14.62 -16.76 -31.77
CA VAL B 80 15.47 -15.86 -31.02
C VAL B 80 16.79 -16.53 -30.66
N LYS B 81 16.71 -17.77 -30.19
CA LYS B 81 17.89 -18.48 -29.78
C LYS B 81 18.87 -18.60 -30.97
N GLU B 82 18.33 -18.91 -32.13
CA GLU B 82 19.20 -19.14 -33.29
C GLU B 82 19.83 -17.85 -33.77
N ALA B 83 19.07 -16.75 -33.73
CA ALA B 83 19.53 -15.45 -34.22
C ALA B 83 20.40 -14.65 -33.27
N PHE B 84 20.17 -14.80 -31.97
CA PHE B 84 20.84 -14.01 -30.96
C PHE B 84 21.75 -14.85 -30.06
N GLY B 85 21.48 -16.14 -29.95
CA GLY B 85 22.26 -17.03 -29.10
C GLY B 85 21.85 -17.02 -27.64
N GLY B 86 21.13 -16.00 -27.25
CA GLY B 86 20.77 -15.78 -25.84
C GLY B 86 19.96 -14.51 -25.81
N LEU B 87 19.52 -14.10 -24.63
CA LEU B 87 18.72 -12.89 -24.54
C LEU B 87 19.16 -12.15 -23.27
N ASP B 88 19.22 -10.84 -23.33
CA ASP B 88 19.40 -10.01 -22.11
C ASP B 88 18.09 -9.39 -21.61
N TYR B 89 17.25 -8.86 -22.50
CA TYR B 89 16.08 -8.09 -22.07
C TYR B 89 14.84 -8.56 -22.76
N LEU B 90 13.75 -8.60 -22.01
CA LEU B 90 12.43 -8.82 -22.60
C LEU B 90 11.53 -7.68 -22.17
N VAL B 91 10.95 -6.99 -23.14
CA VAL B 91 9.99 -5.89 -22.89
C VAL B 91 8.61 -6.41 -23.23
N HIS B 92 7.75 -6.49 -22.22
CA HIS B 92 6.39 -6.99 -22.41
C HIS B 92 5.43 -5.78 -22.41
N ALA B 93 4.95 -5.39 -23.60
CA ALA B 93 4.05 -4.27 -23.75
C ALA B 93 2.77 -4.77 -24.44
N ILE B 94 2.29 -5.93 -23.98
CA ILE B 94 1.09 -6.58 -24.47
C ILE B 94 -0.10 -6.24 -23.58
N ALA B 95 -1.15 -5.66 -24.15
CA ALA B 95 -2.35 -5.33 -23.39
C ALA B 95 -3.54 -5.44 -24.34
N PHE B 96 -4.54 -6.17 -23.93
CA PHE B 96 -5.73 -6.35 -24.73
C PHE B 96 -6.94 -6.75 -23.87
N ALA B 97 -8.07 -6.14 -24.16
CA ALA B 97 -9.37 -6.64 -23.70
C ALA B 97 -10.36 -6.44 -24.85
N PRO B 98 -11.27 -7.39 -25.03
CA PRO B 98 -12.33 -7.18 -26.03
C PRO B 98 -13.10 -5.87 -25.87
N ARG B 99 -13.51 -5.27 -26.98
CA ARG B 99 -14.20 -4.00 -26.94
C ARG B 99 -15.46 -4.08 -26.07
N GLU B 100 -16.17 -5.21 -26.15
CA GLU B 100 -17.43 -5.44 -25.42
C GLU B 100 -17.17 -5.38 -23.92
N ALA B 101 -16.07 -5.98 -23.47
CA ALA B 101 -15.69 -5.90 -22.04
C ALA B 101 -15.42 -4.47 -21.58
N MET B 102 -14.85 -3.66 -22.46
CA MET B 102 -14.50 -2.29 -22.11
C MET B 102 -15.65 -1.31 -22.27
N GLU B 103 -16.75 -1.73 -22.86
CA GLU B 103 -17.97 -0.94 -22.88
C GLU B 103 -18.90 -1.38 -21.76
N GLY B 104 -19.47 -0.40 -21.07
CA GLY B 104 -20.38 -0.72 -19.99
C GLY B 104 -19.61 -1.03 -18.73
N ARG B 105 -20.16 -1.92 -17.92
CA ARG B 105 -19.73 -2.12 -16.53
C ARG B 105 -18.91 -3.37 -16.41
N TYR B 106 -17.98 -3.34 -15.46
CA TYR B 106 -17.17 -4.49 -15.15
C TYR B 106 -18.03 -5.70 -14.70
N ILE B 107 -19.03 -5.43 -13.86
CA ILE B 107 -19.93 -6.49 -13.40
C ILE B 107 -20.61 -7.22 -14.56
N ASP B 108 -20.72 -6.54 -15.70
CA ASP B 108 -21.37 -7.15 -16.88
C ASP B 108 -20.44 -7.87 -17.83
N THR B 109 -19.16 -8.02 -17.47
CA THR B 109 -18.18 -8.65 -18.35
C THR B 109 -18.53 -10.09 -18.64
N ARG B 110 -18.56 -10.44 -19.93
CA ARG B 110 -18.82 -11.82 -20.31
C ARG B 110 -17.65 -12.71 -20.00
N ARG B 111 -17.91 -13.97 -19.72
CA ARG B 111 -16.91 -14.98 -19.34
C ARG B 111 -15.79 -15.06 -20.35
N GLN B 112 -16.12 -15.22 -21.64
CA GLN B 112 -15.05 -15.43 -22.60
C GLN B 112 -14.22 -14.14 -22.79
N ASP B 113 -14.86 -12.99 -22.69
CA ASP B 113 -14.14 -11.72 -22.82
C ASP B 113 -13.18 -11.47 -21.66
N TRP B 114 -13.67 -11.76 -20.45
CA TRP B 114 -12.82 -11.68 -19.23
C TRP B 114 -11.61 -12.59 -19.31
N LEU B 115 -11.83 -13.86 -19.69
CA LEU B 115 -10.72 -14.81 -19.75
C LEU B 115 -9.71 -14.41 -20.81
N LEU B 116 -10.17 -13.94 -21.96
CA LEU B 116 -9.25 -13.52 -23.04
C LEU B 116 -8.42 -12.31 -22.62
N ALA B 117 -9.07 -11.33 -21.96
CA ALA B 117 -8.34 -10.16 -21.44
C ALA B 117 -7.23 -10.60 -20.47
N LEU B 118 -7.53 -11.51 -19.54
CA LEU B 118 -6.53 -12.00 -18.58
C LEU B 118 -5.44 -12.81 -19.27
N GLU B 119 -5.82 -13.62 -20.27
CA GLU B 119 -4.90 -14.47 -21.00
C GLU B 119 -3.85 -13.66 -21.76
N VAL B 120 -4.34 -12.69 -22.51
CA VAL B 120 -3.52 -11.86 -23.38
C VAL B 120 -2.74 -10.85 -22.54
N SER B 121 -3.38 -10.26 -21.52
CA SER B 121 -2.76 -9.12 -20.81
C SER B 121 -1.92 -9.53 -19.59
N ALA B 122 -2.22 -10.69 -19.02
CA ALA B 122 -1.49 -11.17 -17.83
C ALA B 122 -0.74 -12.52 -18.00
N TYR B 123 -1.45 -13.58 -18.39
CA TYR B 123 -0.80 -14.89 -18.57
C TYR B 123 0.35 -14.83 -19.59
N SER B 124 0.21 -13.97 -20.59
CA SER B 124 1.25 -13.83 -21.63
C SER B 124 2.62 -13.56 -21.00
N LEU B 125 2.65 -12.79 -19.91
CA LEU B 125 3.94 -12.56 -19.23
C LEU B 125 4.54 -13.83 -18.73
N VAL B 126 3.72 -14.69 -18.14
CA VAL B 126 4.20 -15.94 -17.64
C VAL B 126 4.73 -16.83 -18.80
N ALA B 127 3.93 -16.90 -19.85
CA ALA B 127 4.23 -17.74 -21.00
C ALA B 127 5.56 -17.35 -21.62
N VAL B 128 5.80 -16.05 -21.77
CA VAL B 128 7.05 -15.57 -22.40
C VAL B 128 8.23 -15.66 -21.44
N ALA B 129 8.00 -15.41 -20.14
CA ALA B 129 9.06 -15.53 -19.15
C ALA B 129 9.57 -16.93 -19.09
N ARG B 130 8.67 -17.90 -19.10
CA ARG B 130 9.11 -19.29 -19.00
C ARG B 130 10.01 -19.66 -20.17
N ARG B 131 9.62 -19.23 -21.35
CA ARG B 131 10.38 -19.55 -22.57
C ARG B 131 11.66 -18.75 -22.65
N ALA B 132 11.64 -17.52 -22.15
CA ALA B 132 12.84 -16.68 -22.10
C ALA B 132 13.89 -17.20 -21.09
N GLU B 133 13.42 -17.85 -20.01
CA GLU B 133 14.27 -18.27 -18.89
C GLU B 133 15.59 -18.95 -19.29
N PRO B 134 15.53 -20.01 -20.12
CA PRO B 134 16.81 -20.65 -20.50
C PRO B 134 17.74 -19.80 -21.38
N LEU B 135 17.20 -18.80 -22.05
CA LEU B 135 18.00 -17.87 -22.85
C LEU B 135 18.54 -16.66 -22.11
N LEU B 136 17.85 -16.23 -21.05
CA LEU B 136 18.23 -15.01 -20.36
C LEU B 136 19.58 -15.11 -19.65
N ARG B 137 20.44 -14.12 -19.91
CA ARG B 137 21.78 -14.10 -19.36
C ARG B 137 21.78 -13.40 -18.00
N GLU B 138 22.77 -13.72 -17.19
CA GLU B 138 22.99 -13.03 -15.91
C GLU B 138 22.99 -11.52 -16.14
N GLY B 139 22.35 -10.77 -15.24
CA GLY B 139 22.18 -9.33 -15.42
C GLY B 139 20.98 -8.96 -16.27
N GLY B 140 20.31 -9.96 -16.83
CA GLY B 140 19.21 -9.72 -17.74
C GLY B 140 17.94 -9.41 -16.98
N GLY B 141 16.88 -9.14 -17.73
CA GLY B 141 15.66 -8.63 -17.12
C GLY B 141 14.46 -8.59 -18.00
N ILE B 142 13.31 -8.54 -17.32
CA ILE B 142 12.04 -8.43 -17.92
C ILE B 142 11.35 -7.18 -17.38
N VAL B 143 10.77 -6.38 -18.26
CA VAL B 143 9.97 -5.23 -17.83
C VAL B 143 8.63 -5.29 -18.52
N THR B 144 7.58 -5.01 -17.75
CA THR B 144 6.23 -4.93 -18.25
C THR B 144 5.60 -3.56 -17.95
N LEU B 145 4.46 -3.26 -18.56
CA LEU B 145 3.77 -1.97 -18.42
C LEU B 145 2.45 -2.17 -17.69
N THR B 146 2.14 -1.26 -16.78
CA THR B 146 0.91 -1.33 -16.01
C THR B 146 0.34 0.07 -15.81
N TYR B 147 -0.71 0.15 -15.00
CA TYR B 147 -1.46 1.33 -14.80
C TYR B 147 -2.09 1.21 -13.39
N TYR B 148 -2.26 2.34 -12.75
CA TYR B 148 -2.60 2.41 -11.32
C TYR B 148 -4.04 1.93 -10.99
N ALA B 149 -4.83 1.73 -12.05
CA ALA B 149 -6.13 1.07 -11.91
C ALA B 149 -6.07 -0.32 -11.29
N SER B 150 -4.88 -0.98 -11.29
CA SER B 150 -4.72 -2.22 -10.53
C SER B 150 -5.08 -2.08 -9.03
N GLU B 151 -4.84 -0.90 -8.48
CA GLU B 151 -5.04 -0.60 -7.05
C GLU B 151 -6.20 0.35 -6.76
N LYS B 152 -6.55 1.21 -7.72
CA LYS B 152 -7.59 2.24 -7.51
C LYS B 152 -8.61 2.16 -8.62
N VAL B 153 -9.88 2.34 -8.28
CA VAL B 153 -10.95 2.19 -9.25
C VAL B 153 -10.96 3.33 -10.27
N VAL B 154 -10.74 2.97 -11.52
CA VAL B 154 -10.81 3.90 -12.66
C VAL B 154 -11.95 3.37 -13.52
N PRO B 155 -13.15 3.95 -13.35
CA PRO B 155 -14.30 3.49 -14.08
C PRO B 155 -14.00 3.35 -15.57
N LYS B 156 -14.52 2.28 -16.15
CA LYS B 156 -14.39 2.04 -17.57
C LYS B 156 -13.06 1.43 -18.00
N TYR B 157 -12.05 1.38 -17.13
CA TYR B 157 -10.89 0.54 -17.40
C TYR B 157 -11.26 -0.94 -17.18
N ASN B 158 -12.28 -1.18 -16.35
CA ASN B 158 -12.95 -2.49 -16.24
C ASN B 158 -11.98 -3.67 -16.12
N VAL B 159 -12.14 -4.74 -16.94
CA VAL B 159 -11.28 -5.94 -16.78
C VAL B 159 -9.80 -5.62 -16.95
N MET B 160 -9.42 -4.55 -17.67
CA MET B 160 -8.00 -4.25 -17.78
C MET B 160 -7.38 -3.94 -16.40
N ALA B 161 -8.14 -3.37 -15.49
CA ALA B 161 -7.64 -3.13 -14.10
C ALA B 161 -7.31 -4.44 -13.42
N ILE B 162 -8.22 -5.40 -13.60
CA ILE B 162 -8.08 -6.70 -13.01
C ILE B 162 -6.91 -7.45 -13.65
N ALA B 163 -6.74 -7.33 -14.96
CA ALA B 163 -5.60 -7.90 -15.64
C ALA B 163 -4.29 -7.31 -15.11
N LYS B 164 -4.26 -6.01 -14.86
CA LYS B 164 -3.07 -5.34 -14.36
C LYS B 164 -2.75 -5.76 -12.93
N ALA B 165 -3.77 -5.98 -12.10
CA ALA B 165 -3.53 -6.57 -10.76
C ALA B 165 -2.89 -7.94 -10.89
N ALA B 166 -3.40 -8.78 -11.78
CA ALA B 166 -2.84 -10.11 -12.02
C ALA B 166 -1.42 -10.04 -12.57
N LEU B 167 -1.17 -9.07 -13.46
CA LEU B 167 0.14 -8.87 -14.05
C LEU B 167 1.18 -8.46 -12.97
N GLU B 168 0.80 -7.51 -12.09
CA GLU B 168 1.71 -7.04 -11.02
C GLU B 168 2.02 -8.16 -10.03
N ALA B 169 1.01 -8.96 -9.66
CA ALA B 169 1.26 -10.12 -8.78
C ALA B 169 2.21 -11.09 -9.49
N SER B 170 2.02 -11.27 -10.79
CA SER B 170 2.91 -12.12 -11.60
C SER B 170 4.34 -11.62 -11.60
N VAL B 171 4.52 -10.33 -11.69
CA VAL B 171 5.86 -9.71 -11.64
C VAL B 171 6.54 -10.11 -10.34
N ARG B 172 5.84 -10.08 -9.22
CA ARG B 172 6.46 -10.40 -7.95
C ARG B 172 6.89 -11.87 -7.90
N TYR B 173 5.97 -12.75 -8.28
CA TYR B 173 6.30 -14.19 -8.30
C TYR B 173 7.42 -14.50 -9.25
N LEU B 174 7.38 -13.90 -10.44
CA LEU B 174 8.46 -14.17 -11.41
C LEU B 174 9.80 -13.61 -10.95
N ALA B 175 9.79 -12.48 -10.27
CA ALA B 175 11.00 -11.92 -9.70
C ALA B 175 11.62 -12.92 -8.72
N TYR B 176 10.80 -13.53 -7.89
CA TYR B 176 11.28 -14.52 -6.92
C TYR B 176 11.85 -15.72 -7.67
N GLU B 177 11.20 -16.17 -8.71
CA GLU B 177 11.63 -17.43 -9.37
C GLU B 177 12.81 -17.24 -10.33
N LEU B 178 12.98 -16.06 -10.90
CA LEU B 178 14.10 -15.74 -11.81
C LEU B 178 15.31 -15.13 -11.10
N GLY B 179 15.11 -14.59 -9.90
CA GLY B 179 16.19 -13.94 -9.17
C GLY B 179 17.46 -14.78 -8.97
N PRO B 180 17.33 -16.09 -8.74
CA PRO B 180 18.54 -16.91 -8.52
C PRO B 180 19.48 -16.92 -9.72
N LYS B 181 18.93 -16.76 -10.92
CA LYS B 181 19.72 -16.62 -12.15
C LYS B 181 20.30 -15.22 -12.37
N GLY B 182 20.04 -14.27 -11.47
CA GLY B 182 20.48 -12.91 -11.64
C GLY B 182 19.66 -12.15 -12.68
N VAL B 183 18.39 -12.54 -12.83
CA VAL B 183 17.50 -11.94 -13.78
C VAL B 183 16.43 -11.19 -12.96
N ARG B 184 16.17 -9.96 -13.38
CA ARG B 184 15.24 -9.09 -12.61
C ARG B 184 13.94 -8.93 -13.39
N VAL B 185 12.86 -8.69 -12.65
CA VAL B 185 11.53 -8.52 -13.26
C VAL B 185 10.84 -7.33 -12.55
N ASN B 186 10.42 -6.35 -13.35
CA ASN B 186 9.79 -5.12 -12.85
C ASN B 186 8.66 -4.64 -13.76
N ALA B 187 7.81 -3.78 -13.23
CA ALA B 187 6.71 -3.15 -13.97
C ALA B 187 6.85 -1.64 -13.91
N ILE B 188 6.48 -0.99 -15.00
CA ILE B 188 6.39 0.45 -15.09
C ILE B 188 4.91 0.84 -15.14
N SER B 189 4.47 1.59 -14.14
CA SER B 189 3.10 2.11 -14.14
C SER B 189 3.13 3.51 -14.72
N ALA B 190 2.65 3.63 -15.97
CA ALA B 190 2.73 4.86 -16.71
C ALA B 190 1.41 5.60 -16.58
N GLY B 191 1.50 6.92 -16.55
CA GLY B 191 0.34 7.79 -16.77
C GLY B 191 0.02 7.87 -18.25
N PRO B 192 -1.10 8.54 -18.59
CA PRO B 192 -1.46 8.78 -20.00
C PRO B 192 -0.44 9.66 -20.71
N VAL B 193 -0.20 9.38 -22.00
CA VAL B 193 0.65 10.20 -22.86
C VAL B 193 -0.17 10.88 -23.99
N ARG B 194 -0.05 12.20 -24.10
CA ARG B 194 -0.87 13.00 -25.01
C ARG B 194 -0.45 12.66 -26.44
N PHE B 204 -8.69 10.87 -24.94
CA PHE B 204 -9.09 12.20 -25.41
C PHE B 204 -8.53 13.35 -24.58
N THR B 205 -8.61 14.56 -25.16
CA THR B 205 -8.04 15.82 -24.62
C THR B 205 -8.52 16.22 -23.23
N LYS B 206 -9.79 16.00 -22.93
CA LYS B 206 -10.33 16.36 -21.60
C LYS B 206 -9.67 15.54 -20.50
N MET B 207 -9.48 14.25 -20.76
CA MET B 207 -8.81 13.37 -19.81
C MET B 207 -7.36 13.80 -19.56
N TYR B 208 -6.62 14.08 -20.64
CA TYR B 208 -5.22 14.53 -20.51
C TYR B 208 -5.13 15.81 -19.71
N ASP B 209 -6.07 16.73 -19.96
CA ASP B 209 -6.08 18.01 -19.26
C ASP B 209 -6.42 17.86 -17.79
N ARG B 210 -7.38 17.00 -17.48
CA ARG B 210 -7.73 16.71 -16.09
C ARG B 210 -6.56 16.10 -15.30
N VAL B 211 -5.87 15.14 -15.90
CA VAL B 211 -4.67 14.57 -15.30
C VAL B 211 -3.61 15.64 -15.05
N ALA B 212 -3.39 16.48 -16.05
CA ALA B 212 -2.41 17.54 -15.93
C ALA B 212 -2.74 18.53 -14.81
N GLN B 213 -4.01 18.82 -14.57
CA GLN B 213 -4.35 19.77 -13.51
C GLN B 213 -4.10 19.24 -12.10
N THR B 214 -4.22 17.92 -11.93
CA THR B 214 -4.10 17.27 -10.63
C THR B 214 -2.68 16.78 -10.41
N ALA B 215 -1.96 16.40 -11.46
CA ALA B 215 -0.57 15.92 -11.22
C ALA B 215 0.28 16.98 -10.55
N PRO B 216 1.13 16.58 -9.59
CA PRO B 216 2.11 17.49 -9.01
C PRO B 216 2.88 18.34 -10.03
N LEU B 217 3.33 17.73 -11.12
CA LEU B 217 4.12 18.44 -12.12
C LEU B 217 3.26 19.29 -13.05
N ARG B 218 1.94 19.20 -12.91
CA ARG B 218 0.96 20.02 -13.64
C ARG B 218 1.09 19.86 -15.14
N ARG B 219 1.37 18.62 -15.55
CA ARG B 219 1.50 18.22 -16.95
C ARG B 219 1.39 16.71 -17.04
N ASN B 220 1.17 16.20 -18.25
CA ASN B 220 1.24 14.77 -18.50
C ASN B 220 2.67 14.36 -18.71
N ILE B 221 2.92 13.06 -18.55
CA ILE B 221 4.20 12.50 -18.87
C ILE B 221 4.32 12.36 -20.39
N THR B 222 5.55 12.11 -20.84
CA THR B 222 5.81 11.87 -22.22
C THR B 222 6.24 10.41 -22.46
N GLN B 223 6.18 10.00 -23.73
CA GLN B 223 6.63 8.69 -24.17
C GLN B 223 8.10 8.47 -23.79
N GLU B 224 8.92 9.49 -24.01
CA GLU B 224 10.35 9.38 -23.72
C GLU B 224 10.62 9.14 -22.23
N GLU B 225 9.79 9.71 -21.39
CA GLU B 225 9.90 9.53 -19.93
C GLU B 225 9.70 8.05 -19.56
N VAL B 226 8.79 7.37 -20.25
CA VAL B 226 8.59 5.94 -20.05
C VAL B 226 9.80 5.17 -20.62
N GLY B 227 10.21 5.55 -21.82
CA GLY B 227 11.37 4.94 -22.43
C GLY B 227 12.61 4.97 -21.57
N ASN B 228 12.87 6.13 -20.97
CA ASN B 228 14.01 6.33 -20.08
C ASN B 228 13.95 5.47 -18.83
N LEU B 229 12.77 5.32 -18.24
CA LEU B 229 12.61 4.46 -17.08
C LEU B 229 12.81 3.00 -17.44
N GLY B 230 12.30 2.57 -18.59
CA GLY B 230 12.58 1.19 -19.01
C GLY B 230 14.04 0.91 -19.28
N LEU B 231 14.73 1.86 -19.91
CA LEU B 231 16.18 1.77 -20.15
C LEU B 231 16.88 1.60 -18.82
N PHE B 232 16.58 2.46 -17.85
CA PHE B 232 17.23 2.41 -16.56
C PHE B 232 17.03 1.03 -15.90
N LEU B 233 15.77 0.60 -15.80
CA LEU B 233 15.46 -0.64 -15.12
C LEU B 233 16.16 -1.87 -15.74
N LEU B 234 16.30 -1.87 -17.06
CA LEU B 234 16.95 -2.96 -17.78
C LEU B 234 18.49 -2.86 -17.67
N SER B 235 18.99 -1.65 -17.57
CA SER B 235 20.44 -1.38 -17.47
C SER B 235 21.05 -1.90 -16.18
N PRO B 236 22.39 -2.01 -16.14
CA PRO B 236 23.03 -2.41 -14.92
C PRO B 236 22.92 -1.36 -13.79
N LEU B 237 22.51 -0.12 -14.12
CA LEU B 237 22.31 0.90 -13.08
C LEU B 237 21.20 0.53 -12.11
N ALA B 238 20.29 -0.33 -12.56
CA ALA B 238 19.21 -0.82 -11.69
C ALA B 238 19.44 -2.20 -11.10
N SER B 239 20.70 -2.63 -10.99
CA SER B 239 21.00 -3.99 -10.60
C SER B 239 20.46 -4.50 -9.26
N GLY B 240 20.10 -3.61 -8.34
CA GLY B 240 19.53 -4.02 -7.08
C GLY B 240 18.00 -4.03 -7.02
N ILE B 241 17.36 -3.69 -8.15
CA ILE B 241 15.91 -3.43 -8.19
C ILE B 241 15.19 -4.58 -8.87
N THR B 242 14.37 -5.30 -8.13
CA THR B 242 13.55 -6.35 -8.69
C THR B 242 12.24 -6.51 -7.94
N GLY B 243 11.21 -6.95 -8.67
CA GLY B 243 9.87 -7.11 -8.11
C GLY B 243 9.05 -5.83 -7.93
N GLU B 244 9.56 -4.74 -8.49
CA GLU B 244 9.05 -3.38 -8.20
C GLU B 244 8.04 -2.92 -9.25
N VAL B 245 7.03 -2.15 -8.81
CA VAL B 245 6.21 -1.37 -9.71
C VAL B 245 6.63 0.09 -9.53
N VAL B 246 7.23 0.66 -10.55
CA VAL B 246 7.72 2.05 -10.55
C VAL B 246 6.79 2.94 -11.36
N TYR B 247 6.30 3.98 -10.69
CA TYR B 247 5.35 4.92 -11.28
C TYR B 247 6.05 6.07 -12.00
N VAL B 248 5.74 6.17 -13.28
CA VAL B 248 6.10 7.37 -14.09
C VAL B 248 4.84 8.08 -14.55
N ASP B 249 4.36 8.98 -13.69
CA ASP B 249 3.03 9.58 -13.86
C ASP B 249 2.94 11.02 -13.45
N ALA B 250 4.08 11.70 -13.38
CA ALA B 250 4.12 13.10 -12.97
C ALA B 250 3.56 13.32 -11.56
N GLY B 251 3.57 12.24 -10.78
CA GLY B 251 3.07 12.24 -9.41
C GLY B 251 1.58 12.07 -9.24
N TYR B 252 0.87 11.85 -10.33
CA TYR B 252 -0.59 11.87 -10.26
C TYR B 252 -1.13 10.96 -9.18
N HIS B 253 -0.65 9.71 -9.13
CA HIS B 253 -1.27 8.73 -8.24
C HIS B 253 -1.07 8.99 -6.74
N ILE B 254 -0.23 9.94 -6.36
CA ILE B 254 -0.05 10.26 -4.95
C ILE B 254 -1.17 11.14 -4.42
N MET B 255 -1.97 11.73 -5.31
CA MET B 255 -3.00 12.65 -4.91
C MET B 255 -4.23 11.92 -4.38
N GLY B 256 -4.78 12.45 -3.29
CA GLY B 256 -5.97 11.87 -2.64
C GLY B 256 -7.26 12.59 -3.01
N MET B 257 -7.15 13.59 -3.86
CA MET B 257 -8.31 14.18 -4.52
C MET B 257 -7.86 14.94 -5.75
N GLU B 258 -8.80 15.19 -6.67
CA GLU B 258 -8.50 15.99 -7.88
C GLU B 258 -8.51 17.48 -7.53
N LEU B 259 -7.68 18.23 -8.26
CA LEU B 259 -7.50 19.67 -8.00
C LEU B 259 -8.34 20.51 -8.97
N MET C 1 -30.33 -13.99 16.92
CA MET C 1 -29.68 -12.65 16.94
C MET C 1 -28.37 -12.70 17.69
N LEU C 2 -27.43 -11.85 17.28
CA LEU C 2 -26.16 -11.76 18.01
C LEU C 2 -26.29 -10.63 19.02
N THR C 3 -25.73 -10.83 20.19
CA THR C 3 -25.70 -9.77 21.20
C THR C 3 -24.26 -9.44 21.52
N VAL C 4 -23.96 -8.15 21.73
CA VAL C 4 -22.61 -7.76 22.18
C VAL C 4 -22.74 -7.21 23.59
N ASP C 5 -22.19 -7.95 24.54
CA ASP C 5 -22.32 -7.64 25.98
C ASP C 5 -20.95 -7.41 26.62
N LEU C 6 -20.68 -6.14 26.92
CA LEU C 6 -19.40 -5.75 27.46
C LEU C 6 -19.57 -5.32 28.91
N SER C 7 -20.54 -5.90 29.62
CA SER C 7 -20.71 -5.50 31.01
C SER C 7 -19.56 -6.09 31.76
N GLY C 8 -19.06 -5.35 32.75
CA GLY C 8 -17.85 -5.71 33.45
C GLY C 8 -16.54 -5.25 32.81
N LYS C 9 -16.64 -4.75 31.59
CA LYS C 9 -15.46 -4.24 30.88
C LYS C 9 -15.26 -2.78 31.23
N LYS C 10 -14.00 -2.36 31.19
CA LYS C 10 -13.57 -1.01 31.59
C LYS C 10 -12.88 -0.32 30.41
N ALA C 11 -13.37 0.86 30.06
CA ALA C 11 -12.81 1.71 28.96
C ALA C 11 -12.32 3.08 29.45
N LEU C 12 -11.16 3.50 28.92
CA LEU C 12 -10.61 4.86 29.11
C LEU C 12 -10.64 5.50 27.74
N VAL C 13 -11.35 6.62 27.61
CA VAL C 13 -11.52 7.31 26.35
C VAL C 13 -10.87 8.68 26.48
N MET C 14 -9.92 8.95 25.59
CA MET C 14 -9.06 10.13 25.68
C MET C 14 -9.22 11.02 24.47
N GLY C 15 -9.17 12.34 24.69
CA GLY C 15 -9.19 13.30 23.60
C GLY C 15 -10.56 13.79 23.25
N VAL C 16 -11.56 13.44 24.05
CA VAL C 16 -12.92 13.85 23.71
C VAL C 16 -13.32 15.14 24.44
N THR C 17 -13.89 16.06 23.68
CA THR C 17 -14.31 17.36 24.20
C THR C 17 -15.73 17.72 23.79
N ASN C 18 -16.28 17.02 22.81
CA ASN C 18 -17.60 17.31 22.26
C ASN C 18 -18.37 16.01 21.99
N GLN C 19 -19.69 16.08 22.07
CA GLN C 19 -20.53 14.92 21.76
C GLN C 19 -20.57 14.63 20.26
N ARG C 20 -20.35 15.68 19.45
CA ARG C 20 -20.26 15.51 18.00
C ARG C 20 -18.79 15.30 17.67
N SER C 21 -18.34 14.09 17.93
CA SER C 21 -16.96 13.68 17.73
C SER C 21 -16.91 12.15 17.56
N LEU C 22 -15.90 11.67 16.85
CA LEU C 22 -15.74 10.25 16.66
C LEU C 22 -15.41 9.54 17.97
N GLY C 23 -14.63 10.18 18.83
CA GLY C 23 -14.32 9.59 20.10
C GLY C 23 -15.56 9.43 20.98
N PHE C 24 -16.40 10.45 21.02
CA PHE C 24 -17.64 10.35 21.77
C PHE C 24 -18.52 9.26 21.18
N ALA C 25 -18.58 9.13 19.84
CA ALA C 25 -19.41 8.09 19.21
C ALA C 25 -18.97 6.68 19.68
N ILE C 26 -17.67 6.45 19.76
CA ILE C 26 -17.16 5.17 20.22
C ILE C 26 -17.49 4.96 21.68
N ALA C 27 -17.26 5.97 22.51
CA ALA C 27 -17.61 5.87 23.92
C ALA C 27 -19.09 5.53 24.15
N ALA C 28 -19.96 6.13 23.33
CA ALA C 28 -21.40 5.92 23.43
C ALA C 28 -21.77 4.48 23.11
N LYS C 29 -21.16 3.93 22.06
CA LYS C 29 -21.39 2.48 21.76
C LYS C 29 -20.89 1.55 22.84
N LEU C 30 -19.74 1.87 23.42
CA LEU C 30 -19.16 1.10 24.52
C LEU C 30 -20.10 1.08 25.76
N LYS C 31 -20.64 2.24 26.07
CA LYS C 31 -21.59 2.38 27.20
C LYS C 31 -22.86 1.58 26.90
N GLU C 32 -23.42 1.79 25.72
CA GLU C 32 -24.61 1.04 25.27
C GLU C 32 -24.42 -0.46 25.34
N ALA C 33 -23.23 -0.95 24.98
CA ALA C 33 -22.89 -2.36 25.10
C ALA C 33 -22.70 -2.83 26.53
N GLY C 34 -22.61 -1.91 27.49
CA GLY C 34 -22.54 -2.28 28.92
C GLY C 34 -21.23 -2.00 29.65
N ALA C 35 -20.26 -1.38 28.96
CA ALA C 35 -18.97 -1.13 29.62
C ALA C 35 -19.08 0.07 30.55
N GLU C 36 -18.19 0.14 31.53
CA GLU C 36 -17.93 1.38 32.30
C GLU C 36 -16.85 2.20 31.60
N VAL C 37 -17.07 3.50 31.55
CA VAL C 37 -16.20 4.45 30.87
C VAL C 37 -15.56 5.47 31.85
N ALA C 38 -14.26 5.69 31.65
CA ALA C 38 -13.54 6.88 32.19
C ALA C 38 -13.19 7.82 31.01
N LEU C 39 -13.41 9.13 31.20
CA LEU C 39 -12.99 10.15 30.20
C LEU C 39 -11.85 10.98 30.81
N SER C 40 -10.80 11.21 30.03
CA SER C 40 -9.79 12.18 30.42
C SER C 40 -10.24 13.55 30.02
N TYR C 41 -9.73 14.56 30.73
CA TYR C 41 -9.90 15.95 30.34
C TYR C 41 -8.61 16.70 30.63
N GLN C 42 -8.36 17.76 29.85
CA GLN C 42 -7.00 18.30 29.75
C GLN C 42 -6.51 19.10 30.97
N ALA C 43 -7.41 19.80 31.62
CA ALA C 43 -7.05 20.76 32.68
C ALA C 43 -8.30 21.04 33.48
N GLU C 44 -8.13 21.52 34.71
CA GLU C 44 -9.27 21.66 35.63
C GLU C 44 -10.28 22.67 35.10
N ARG C 45 -9.82 23.60 34.28
CA ARG C 45 -10.72 24.55 33.64
C ARG C 45 -11.73 23.91 32.68
N LEU C 46 -11.38 22.74 32.11
CA LEU C 46 -12.30 22.01 31.22
C LEU C 46 -13.16 20.94 31.94
N ARG C 47 -13.07 20.84 33.27
CA ARG C 47 -13.89 19.90 34.04
C ARG C 47 -15.41 20.04 33.77
N PRO C 48 -15.94 21.27 33.73
CA PRO C 48 -17.36 21.44 33.36
C PRO C 48 -17.72 20.74 32.06
N GLU C 49 -16.95 21.00 31.02
CA GLU C 49 -17.14 20.35 29.74
C GLU C 49 -17.16 18.80 29.86
N ALA C 50 -16.18 18.24 30.57
CA ALA C 50 -16.07 16.81 30.78
C ALA C 50 -17.32 16.27 31.52
N GLU C 51 -17.76 16.99 32.55
CA GLU C 51 -18.95 16.58 33.32
C GLU C 51 -20.20 16.47 32.47
N LYS C 52 -20.38 17.41 31.54
CA LYS C 52 -21.49 17.34 30.59
C LYS C 52 -21.37 16.10 29.67
N LEU C 53 -20.15 15.79 29.26
CA LEU C 53 -19.94 14.60 28.44
C LEU C 53 -20.28 13.34 29.23
N ALA C 54 -19.85 13.29 30.49
CA ALA C 54 -20.13 12.15 31.36
C ALA C 54 -21.64 11.95 31.52
N GLU C 55 -22.35 13.06 31.64
CA GLU C 55 -23.80 13.06 31.76
C GLU C 55 -24.46 12.57 30.46
N ALA C 56 -23.93 12.99 29.31
CA ALA C 56 -24.48 12.58 28.01
C ALA C 56 -24.33 11.09 27.77
N LEU C 57 -23.31 10.48 28.39
CA LEU C 57 -23.08 9.03 28.35
C LEU C 57 -23.91 8.23 29.36
N GLY C 58 -24.66 8.93 30.21
CA GLY C 58 -25.41 8.32 31.28
C GLY C 58 -24.51 7.85 32.39
N GLY C 59 -23.37 8.53 32.60
CA GLY C 59 -22.48 8.19 33.72
C GLY C 59 -21.09 7.79 33.30
N ALA C 60 -20.07 8.50 33.78
CA ALA C 60 -18.68 8.15 33.49
C ALA C 60 -17.76 8.78 34.52
N LEU C 61 -16.59 8.16 34.75
CA LEU C 61 -15.61 8.65 35.70
C LEU C 61 -14.65 9.59 34.98
N LEU C 62 -14.25 10.68 35.64
CA LEU C 62 -13.38 11.69 35.00
C LEU C 62 -11.99 11.77 35.63
N PHE C 63 -10.97 11.94 34.79
CA PHE C 63 -9.61 12.14 35.24
C PHE C 63 -8.92 13.29 34.49
N ARG C 64 -8.19 14.11 35.23
CA ARG C 64 -7.41 15.22 34.63
C ARG C 64 -6.03 14.78 34.22
N ALA C 65 -5.70 15.02 32.95
CA ALA C 65 -4.34 14.85 32.45
C ALA C 65 -4.13 15.51 31.07
N ASP C 66 -3.04 16.29 30.96
CA ASP C 66 -2.61 16.91 29.69
C ASP C 66 -1.65 15.94 29.07
N VAL C 67 -1.91 15.51 27.82
CA VAL C 67 -1.15 14.42 27.23
C VAL C 67 0.28 14.77 26.87
N THR C 68 0.65 16.05 27.02
CA THR C 68 2.03 16.45 26.87
C THR C 68 2.83 16.42 28.18
N GLN C 69 2.17 16.09 29.30
CA GLN C 69 2.80 16.06 30.62
C GLN C 69 2.92 14.66 31.19
N ASP C 70 4.12 14.07 31.16
CA ASP C 70 4.29 12.70 31.54
C ASP C 70 3.84 12.39 32.96
N GLU C 71 4.12 13.30 33.87
CA GLU C 71 3.73 13.10 35.25
C GLU C 71 2.18 13.12 35.45
N GLU C 72 1.48 13.89 34.64
CA GLU C 72 0.04 13.94 34.71
C GLU C 72 -0.58 12.67 34.13
N LEU C 73 0.07 12.11 33.11
CA LEU C 73 -0.32 10.78 32.64
C LEU C 73 -0.06 9.67 33.68
N ASP C 74 1.07 9.74 34.40
CA ASP C 74 1.30 8.80 35.48
C ASP C 74 0.16 8.88 36.51
N ALA C 75 -0.29 10.10 36.82
CA ALA C 75 -1.32 10.32 37.84
C ALA C 75 -2.66 9.78 37.36
N LEU C 76 -2.97 10.01 36.07
CA LEU C 76 -4.24 9.56 35.47
C LEU C 76 -4.28 8.03 35.51
N PHE C 77 -3.19 7.36 35.18
CA PHE C 77 -3.20 5.90 35.18
C PHE C 77 -3.18 5.27 36.59
N ALA C 78 -2.52 5.90 37.54
CA ALA C 78 -2.65 5.51 38.94
C ALA C 78 -4.12 5.62 39.40
N GLY C 79 -4.79 6.69 39.00
CA GLY C 79 -6.19 6.89 39.28
C GLY C 79 -7.07 5.85 38.64
N VAL C 80 -6.81 5.56 37.37
CA VAL C 80 -7.55 4.48 36.72
C VAL C 80 -7.34 3.15 37.46
N LYS C 81 -6.12 2.83 37.85
CA LYS C 81 -5.85 1.57 38.54
C LYS C 81 -6.67 1.48 39.81
N GLU C 82 -6.72 2.57 40.56
CA GLU C 82 -7.38 2.55 41.84
C GLU C 82 -8.89 2.45 41.67
N ALA C 83 -9.46 3.15 40.67
CA ALA C 83 -10.90 3.17 40.45
C ALA C 83 -11.50 1.96 39.70
N PHE C 84 -10.70 1.33 38.84
CA PHE C 84 -11.15 0.24 37.95
C PHE C 84 -10.46 -1.08 38.24
N GLY C 85 -9.26 -1.03 38.81
CA GLY C 85 -8.50 -2.26 39.12
C GLY C 85 -7.66 -2.74 37.96
N GLY C 86 -8.17 -2.50 36.76
CA GLY C 86 -7.49 -2.86 35.51
C GLY C 86 -8.23 -2.11 34.41
N LEU C 87 -7.86 -2.37 33.17
CA LEU C 87 -8.45 -1.72 32.02
C LEU C 87 -8.64 -2.76 30.92
N ASP C 88 -9.73 -2.66 30.18
CA ASP C 88 -9.95 -3.51 29.00
C ASP C 88 -9.66 -2.75 27.73
N TYR C 89 -10.21 -1.54 27.62
CA TYR C 89 -10.12 -0.77 26.37
C TYR C 89 -9.53 0.64 26.56
N LEU C 90 -8.78 1.10 25.55
CA LEU C 90 -8.31 2.49 25.50
C LEU C 90 -8.67 3.06 24.11
N VAL C 91 -9.45 4.12 24.08
CA VAL C 91 -9.82 4.81 22.85
C VAL C 91 -9.00 6.09 22.78
N HIS C 92 -8.07 6.13 21.83
CA HIS C 92 -7.20 7.28 21.58
C HIS C 92 -7.82 8.12 20.46
N ALA C 93 -8.47 9.21 20.85
CA ALA C 93 -9.15 10.13 19.95
C ALA C 93 -8.53 11.54 20.07
N ILE C 94 -7.23 11.57 20.35
CA ILE C 94 -6.45 12.81 20.48
C ILE C 94 -5.84 13.22 19.15
N ALA C 95 -6.14 14.43 18.70
CA ALA C 95 -5.52 14.98 17.50
C ALA C 95 -5.42 16.50 17.67
N PHE C 96 -4.28 17.05 17.30
CA PHE C 96 -4.10 18.50 17.32
C PHE C 96 -2.95 18.95 16.45
N ALA C 97 -3.16 20.04 15.72
CA ALA C 97 -2.09 20.80 15.06
C ALA C 97 -2.43 22.29 15.21
N PRO C 98 -1.43 23.13 15.45
CA PRO C 98 -1.67 24.59 15.48
C PRO C 98 -2.30 25.14 14.23
N ARG C 99 -3.19 26.12 14.37
CA ARG C 99 -3.82 26.61 13.17
C ARG C 99 -2.85 27.33 12.24
N GLU C 100 -1.74 27.82 12.76
CA GLU C 100 -0.66 28.39 11.95
C GLU C 100 -0.08 27.34 10.96
N ALA C 101 -0.04 26.08 11.40
CA ALA C 101 0.49 24.97 10.59
C ALA C 101 -0.56 24.49 9.61
N MET C 102 -1.83 24.61 9.97
CA MET C 102 -2.92 24.12 9.16
C MET C 102 -3.32 25.10 8.06
N GLU C 103 -2.93 26.35 8.19
CA GLU C 103 -3.18 27.27 7.08
C GLU C 103 -1.88 27.32 6.24
N GLY C 104 -1.96 27.79 5.00
CA GLY C 104 -0.80 27.74 4.10
C GLY C 104 -0.29 26.33 3.73
N ARG C 105 1.01 26.22 3.53
CA ARG C 105 1.63 25.06 2.93
C ARG C 105 2.38 24.23 3.98
N TYR C 106 2.41 22.92 3.73
CA TYR C 106 3.20 22.04 4.56
C TYR C 106 4.68 22.44 4.59
N ILE C 107 5.24 22.76 3.44
CA ILE C 107 6.64 23.13 3.37
C ILE C 107 6.96 24.37 4.25
N ASP C 108 5.94 25.16 4.59
CA ASP C 108 6.17 26.36 5.41
C ASP C 108 5.96 26.13 6.90
N THR C 109 5.71 24.88 7.30
CA THR C 109 5.46 24.60 8.70
C THR C 109 6.63 24.99 9.61
N ARG C 110 6.34 25.71 10.69
CA ARG C 110 7.35 26.09 11.64
C ARG C 110 7.71 24.93 12.51
N ARG C 111 8.95 24.93 12.93
CA ARG C 111 9.54 23.85 13.74
C ARG C 111 8.68 23.52 14.96
N GLN C 112 8.38 24.52 15.78
CA GLN C 112 7.69 24.22 17.03
C GLN C 112 6.27 23.73 16.78
N ASP C 113 5.64 24.24 15.72
CA ASP C 113 4.28 23.86 15.35
C ASP C 113 4.26 22.40 14.89
N TRP C 114 5.26 22.04 14.10
CA TRP C 114 5.37 20.65 13.57
C TRP C 114 5.57 19.65 14.71
N LEU C 115 6.50 19.96 15.60
CA LEU C 115 6.80 19.11 16.73
C LEU C 115 5.59 18.96 17.64
N LEU C 116 4.86 20.05 17.91
CA LEU C 116 3.73 19.94 18.81
C LEU C 116 2.64 19.06 18.19
N ALA C 117 2.42 19.22 16.90
CA ALA C 117 1.42 18.41 16.18
C ALA C 117 1.77 16.91 16.29
N LEU C 118 3.02 16.58 16.05
CA LEU C 118 3.48 15.17 16.17
C LEU C 118 3.43 14.68 17.63
N GLU C 119 3.76 15.58 18.56
CA GLU C 119 3.71 15.24 19.98
C GLU C 119 2.32 14.89 20.48
N VAL C 120 1.37 15.76 20.15
CA VAL C 120 0.01 15.57 20.64
C VAL C 120 -0.71 14.49 19.84
N SER C 121 -0.44 14.42 18.53
CA SER C 121 -1.27 13.59 17.62
C SER C 121 -0.71 12.18 17.43
N ALA C 122 0.57 11.96 17.63
CA ALA C 122 1.18 10.63 17.43
C ALA C 122 1.89 10.11 18.70
N TYR C 123 2.81 10.91 19.28
CA TYR C 123 3.53 10.42 20.46
C TYR C 123 2.57 10.11 21.60
N SER C 124 1.46 10.81 21.67
CA SER C 124 0.49 10.58 22.77
C SER C 124 0.04 9.12 22.81
N LEU C 125 -0.07 8.47 21.65
CA LEU C 125 -0.47 7.07 21.63
C LEU C 125 0.55 6.19 22.35
N VAL C 126 1.83 6.45 22.11
CA VAL C 126 2.90 5.71 22.76
C VAL C 126 2.84 5.94 24.26
N ALA C 127 2.73 7.21 24.62
CA ALA C 127 2.73 7.59 26.04
C ALA C 127 1.63 6.88 26.81
N VAL C 128 0.44 6.89 26.26
CA VAL C 128 -0.72 6.27 26.94
C VAL C 128 -0.67 4.76 26.85
N ALA C 129 -0.21 4.19 25.73
CA ALA C 129 -0.08 2.73 25.63
C ALA C 129 0.88 2.19 26.67
N ARG C 130 2.01 2.86 26.87
CA ARG C 130 3.01 2.37 27.82
C ARG C 130 2.41 2.32 29.22
N ARG C 131 1.64 3.34 29.59
CA ARG C 131 1.09 3.42 30.94
C ARG C 131 -0.11 2.49 31.07
N ALA C 132 -0.85 2.26 29.98
CA ALA C 132 -1.98 1.32 30.00
C ALA C 132 -1.52 -0.12 30.09
N GLU C 133 -0.34 -0.42 29.57
CA GLU C 133 0.17 -1.79 29.45
C GLU C 133 0.01 -2.68 30.70
N PRO C 134 0.49 -2.24 31.87
CA PRO C 134 0.36 -3.08 33.06
C PRO C 134 -1.08 -3.27 33.52
N LEU C 135 -1.97 -2.38 33.13
CA LEU C 135 -3.38 -2.49 33.51
C LEU C 135 -4.21 -3.29 32.52
N LEU C 136 -3.78 -3.34 31.26
CA LEU C 136 -4.60 -3.96 30.22
C LEU C 136 -4.72 -5.49 30.39
N ARG C 137 -5.95 -5.95 30.47
CA ARG C 137 -6.26 -7.36 30.63
C ARG C 137 -6.20 -8.12 29.30
N GLU C 138 -5.99 -9.44 29.35
CA GLU C 138 -6.02 -10.26 28.13
C GLU C 138 -7.36 -10.05 27.44
N GLY C 139 -7.33 -9.93 26.11
CA GLY C 139 -8.52 -9.63 25.34
C GLY C 139 -8.74 -8.13 25.17
N GLY C 140 -7.90 -7.33 25.82
CA GLY C 140 -8.07 -5.89 25.81
C GLY C 140 -7.48 -5.32 24.53
N GLY C 141 -7.61 -4.01 24.40
CA GLY C 141 -7.10 -3.35 23.21
C GLY C 141 -7.18 -1.85 23.22
N ILE C 142 -6.49 -1.30 22.23
CA ILE C 142 -6.34 0.11 21.99
C ILE C 142 -6.82 0.35 20.57
N VAL C 143 -7.67 1.36 20.40
CA VAL C 143 -8.11 1.85 19.07
C VAL C 143 -7.81 3.34 18.95
N THR C 144 -7.31 3.74 17.78
CA THR C 144 -7.05 5.15 17.48
C THR C 144 -7.76 5.51 16.17
N LEU C 145 -7.77 6.81 15.83
CA LEU C 145 -8.42 7.34 14.65
C LEU C 145 -7.39 7.96 13.71
N THR C 146 -7.56 7.67 12.43
CA THR C 146 -6.71 8.21 11.39
C THR C 146 -7.50 8.64 10.16
N TYR C 147 -6.80 9.05 9.10
CA TYR C 147 -7.40 9.59 7.91
C TYR C 147 -6.50 9.29 6.70
N TYR C 148 -7.11 9.09 5.54
CA TYR C 148 -6.46 8.75 4.26
C TYR C 148 -5.32 9.67 3.86
N ALA C 149 -5.36 10.91 4.32
CA ALA C 149 -4.26 11.87 4.06
C ALA C 149 -2.88 11.36 4.47
N SER C 150 -2.84 10.38 5.38
CA SER C 150 -1.58 9.73 5.75
C SER C 150 -0.90 9.06 4.56
N GLU C 151 -1.71 8.56 3.61
CA GLU C 151 -1.24 7.75 2.50
C GLU C 151 -1.18 8.51 1.18
N LYS C 152 -2.12 9.45 1.01
CA LYS C 152 -2.28 10.22 -0.26
C LYS C 152 -2.45 11.70 0.06
N VAL C 153 -2.11 12.58 -0.88
CA VAL C 153 -2.07 14.00 -0.57
C VAL C 153 -3.45 14.59 -0.62
N VAL C 154 -3.87 15.17 0.51
CA VAL C 154 -5.14 15.90 0.61
C VAL C 154 -4.76 17.34 0.94
N PRO C 155 -5.01 18.27 -0.01
CA PRO C 155 -4.65 19.64 0.20
C PRO C 155 -5.16 20.17 1.53
N LYS C 156 -4.30 20.91 2.21
CA LYS C 156 -4.60 21.60 3.45
C LYS C 156 -4.52 20.74 4.71
N TYR C 157 -4.39 19.42 4.58
CA TYR C 157 -4.32 18.61 5.80
C TYR C 157 -2.93 18.74 6.42
N ASN C 158 -1.93 19.01 5.59
CA ASN C 158 -0.60 19.46 6.03
C ASN C 158 0.02 18.56 7.11
N VAL C 159 0.53 19.12 8.22
CA VAL C 159 1.24 18.30 9.21
C VAL C 159 0.34 17.25 9.85
N MET C 160 -0.98 17.44 9.86
CA MET C 160 -1.81 16.35 10.40
C MET C 160 -1.69 15.06 9.59
N ALA C 161 -1.46 15.16 8.28
CA ALA C 161 -1.25 13.98 7.44
C ALA C 161 0.00 13.21 7.89
N ILE C 162 1.05 13.98 8.16
CA ILE C 162 2.33 13.40 8.56
C ILE C 162 2.20 12.81 9.96
N ALA C 163 1.48 13.47 10.85
CA ALA C 163 1.20 12.93 12.18
C ALA C 163 0.46 11.62 12.09
N LYS C 164 -0.57 11.54 11.23
CA LYS C 164 -1.33 10.31 11.04
C LYS C 164 -0.46 9.18 10.45
N ALA C 165 0.46 9.47 9.52
CA ALA C 165 1.43 8.48 9.05
C ALA C 165 2.25 7.91 10.22
N ALA C 166 2.73 8.81 11.08
CA ALA C 166 3.49 8.39 12.28
C ALA C 166 2.62 7.57 13.23
N LEU C 167 1.35 7.94 13.35
CA LEU C 167 0.42 7.27 14.24
C LEU C 167 0.16 5.86 13.75
N GLU C 168 -0.05 5.68 12.45
CA GLU C 168 -0.30 4.36 11.89
C GLU C 168 0.90 3.43 12.03
N ALA C 169 2.08 3.96 11.75
CA ALA C 169 3.30 3.16 11.97
C ALA C 169 3.39 2.78 13.46
N SER C 170 3.02 3.68 14.35
CA SER C 170 3.03 3.40 15.81
C SER C 170 2.07 2.28 16.14
N VAL C 171 0.90 2.27 15.54
CA VAL C 171 -0.08 1.20 15.73
C VAL C 171 0.55 -0.18 15.42
N ARG C 172 1.27 -0.31 14.31
CA ARG C 172 1.90 -1.60 13.96
C ARG C 172 2.94 -2.02 15.00
N TYR C 173 3.84 -1.12 15.38
CA TYR C 173 4.87 -1.46 16.38
C TYR C 173 4.23 -1.78 17.72
N LEU C 174 3.22 -1.04 18.11
CA LEU C 174 2.54 -1.27 19.39
C LEU C 174 1.78 -2.60 19.38
N ALA C 175 1.18 -2.96 18.23
CA ALA C 175 0.52 -4.24 18.09
C ALA C 175 1.49 -5.41 18.30
N TYR C 176 2.69 -5.25 17.73
CA TYR C 176 3.75 -6.23 17.84
C TYR C 176 4.17 -6.38 19.32
N GLU C 177 4.33 -5.25 20.01
CA GLU C 177 4.86 -5.28 21.38
C GLU C 177 3.80 -5.69 22.42
N LEU C 178 2.54 -5.36 22.20
CA LEU C 178 1.46 -5.69 23.14
C LEU C 178 0.79 -7.04 22.85
N GLY C 179 0.92 -7.53 21.62
CA GLY C 179 0.28 -8.78 21.20
C GLY C 179 0.57 -10.01 22.07
N PRO C 180 1.81 -10.19 22.52
CA PRO C 180 2.06 -11.41 23.30
C PRO C 180 1.27 -11.50 24.62
N LYS C 181 0.80 -10.36 25.14
CA LYS C 181 -0.09 -10.31 26.30
C LYS C 181 -1.55 -10.46 25.95
N GLY C 182 -1.88 -10.62 24.68
CA GLY C 182 -3.27 -10.73 24.27
C GLY C 182 -3.99 -9.41 24.11
N VAL C 183 -3.22 -8.35 23.92
CA VAL C 183 -3.75 -7.02 23.75
C VAL C 183 -3.62 -6.60 22.27
N ARG C 184 -4.70 -6.09 21.72
CA ARG C 184 -4.75 -5.71 20.29
C ARG C 184 -4.64 -4.20 20.13
N VAL C 185 -4.11 -3.75 18.99
CA VAL C 185 -3.99 -2.32 18.68
C VAL C 185 -4.38 -2.15 17.20
N ASN C 186 -5.34 -1.25 16.94
CA ASN C 186 -5.84 -0.98 15.57
C ASN C 186 -6.16 0.50 15.39
N ALA C 187 -6.19 0.95 14.14
CA ALA C 187 -6.60 2.27 13.79
C ALA C 187 -7.85 2.20 12.91
N ILE C 188 -8.75 3.15 13.15
CA ILE C 188 -9.90 3.37 12.27
C ILE C 188 -9.63 4.55 11.36
N SER C 189 -9.60 4.32 10.07
CA SER C 189 -9.43 5.43 9.12
C SER C 189 -10.82 5.89 8.66
N ALA C 190 -11.26 7.02 9.21
CA ALA C 190 -12.63 7.51 9.02
C ALA C 190 -12.66 8.46 7.87
N GLY C 191 -13.73 8.43 7.10
CA GLY C 191 -13.98 9.51 6.18
C GLY C 191 -14.42 10.78 6.91
N PRO C 192 -14.62 11.87 6.14
CA PRO C 192 -15.09 13.10 6.78
C PRO C 192 -16.47 12.95 7.40
N VAL C 193 -16.62 13.50 8.59
CA VAL C 193 -17.87 13.57 9.32
C VAL C 193 -17.88 14.98 9.90
N ARG C 194 -18.97 15.69 9.72
CA ARG C 194 -19.08 17.02 10.36
C ARG C 194 -19.02 16.88 11.89
N THR C 195 -17.85 17.16 12.44
CA THR C 195 -17.65 17.19 13.87
C THR C 195 -17.15 18.59 14.19
N VAL C 196 -16.98 18.90 15.48
CA VAL C 196 -16.34 20.15 15.87
C VAL C 196 -14.82 20.17 15.50
N ALA C 197 -14.17 18.99 15.46
CA ALA C 197 -12.77 18.88 15.02
C ALA C 197 -12.58 19.21 13.53
N ALA C 198 -13.61 18.94 12.74
CA ALA C 198 -13.61 19.20 11.29
C ALA C 198 -13.48 20.70 10.96
N ARG C 199 -13.98 21.54 11.87
CA ARG C 199 -13.90 23.00 11.72
C ARG C 199 -12.44 23.51 11.78
N SER C 200 -11.53 22.74 12.40
CA SER C 200 -10.11 23.09 12.46
C SER C 200 -9.30 22.57 11.25
N ILE C 201 -9.97 21.89 10.32
CA ILE C 201 -9.31 21.43 9.10
C ILE C 201 -9.80 22.31 7.92
N PRO C 202 -8.90 23.16 7.38
CA PRO C 202 -9.22 24.06 6.24
C PRO C 202 -9.73 23.30 5.00
N GLY C 203 -9.16 22.13 4.75
CA GLY C 203 -9.77 21.20 3.81
C GLY C 203 -10.91 20.48 4.52
N PHE C 204 -12.15 20.94 4.34
CA PHE C 204 -13.28 20.13 4.79
C PHE C 204 -14.50 20.16 3.94
N THR C 205 -15.11 21.34 3.79
CA THR C 205 -16.33 21.45 3.01
C THR C 205 -16.13 20.91 1.58
N LYS C 206 -14.93 21.11 1.05
CA LYS C 206 -14.59 20.71 -0.32
C LYS C 206 -14.36 19.19 -0.43
N MET C 207 -13.73 18.61 0.58
CA MET C 207 -13.53 17.16 0.59
C MET C 207 -14.85 16.44 0.95
N TYR C 208 -15.61 17.01 1.90
CA TYR C 208 -16.88 16.43 2.36
C TYR C 208 -17.81 16.29 1.16
N ASP C 209 -17.92 17.37 0.38
CA ASP C 209 -18.73 17.35 -0.86
C ASP C 209 -18.18 16.41 -1.91
N ARG C 210 -16.86 16.41 -2.09
CA ARG C 210 -16.23 15.46 -3.01
C ARG C 210 -16.55 14.02 -2.63
N VAL C 211 -16.46 13.68 -1.35
CA VAL C 211 -16.64 12.30 -0.94
C VAL C 211 -18.03 11.82 -1.26
N ALA C 212 -19.03 12.65 -0.93
CA ALA C 212 -20.42 12.31 -1.23
C ALA C 212 -20.62 11.99 -2.71
N GLN C 213 -19.90 12.68 -3.56
CA GLN C 213 -20.05 12.54 -5.00
C GLN C 213 -19.16 11.46 -5.62
N THR C 214 -18.06 11.11 -4.96
CA THR C 214 -17.06 10.20 -5.55
C THR C 214 -17.08 8.79 -4.94
N ALA C 215 -17.40 8.71 -3.66
CA ALA C 215 -17.38 7.44 -2.93
C ALA C 215 -18.37 6.46 -3.52
N PRO C 216 -18.02 5.16 -3.52
CA PRO C 216 -18.92 4.08 -3.92
C PRO C 216 -20.34 4.19 -3.35
N LEU C 217 -20.49 4.47 -2.05
CA LEU C 217 -21.85 4.56 -1.45
C LEU C 217 -22.61 5.85 -1.79
N ARG C 218 -21.93 6.79 -2.43
CA ARG C 218 -22.51 8.08 -2.85
C ARG C 218 -23.05 8.89 -1.69
N ARG C 219 -22.33 8.85 -0.58
CA ARG C 219 -22.66 9.61 0.60
C ARG C 219 -21.46 9.66 1.51
N ASN C 220 -21.49 10.56 2.47
CA ASN C 220 -20.53 10.53 3.55
C ASN C 220 -20.93 9.52 4.62
N ILE C 221 -19.96 9.09 5.39
CA ILE C 221 -20.21 8.27 6.56
C ILE C 221 -20.75 9.10 7.74
N THR C 222 -21.20 8.41 8.77
CA THR C 222 -21.67 9.05 10.00
C THR C 222 -20.80 8.73 11.20
N GLN C 223 -20.90 9.54 12.25
CA GLN C 223 -20.14 9.24 13.46
C GLN C 223 -20.58 7.89 14.07
N GLU C 224 -21.85 7.50 13.91
CA GLU C 224 -22.32 6.22 14.44
C GLU C 224 -21.61 5.05 13.71
N GLU C 225 -21.36 5.23 12.41
CA GLU C 225 -20.66 4.20 11.61
C GLU C 225 -19.24 4.01 12.12
N VAL C 226 -18.59 5.11 12.49
CA VAL C 226 -17.31 5.02 13.19
C VAL C 226 -17.44 4.36 14.59
N GLY C 227 -18.43 4.77 15.40
CA GLY C 227 -18.61 4.18 16.71
C GLY C 227 -18.82 2.67 16.64
N ASN C 228 -19.57 2.24 15.64
CA ASN C 228 -19.84 0.81 15.43
C ASN C 228 -18.57 0.03 15.08
N LEU C 229 -17.71 0.61 14.26
CA LEU C 229 -16.44 -0.06 13.96
C LEU C 229 -15.53 -0.12 15.20
N GLY C 230 -15.49 0.96 15.98
CA GLY C 230 -14.75 0.98 17.21
C GLY C 230 -15.21 -0.08 18.20
N LEU C 231 -16.52 -0.15 18.38
CA LEU C 231 -17.15 -1.18 19.21
C LEU C 231 -16.73 -2.59 18.75
N PHE C 232 -16.88 -2.88 17.45
CA PHE C 232 -16.48 -4.19 16.91
C PHE C 232 -15.03 -4.50 17.18
N LEU C 233 -14.13 -3.56 16.85
CA LEU C 233 -12.71 -3.83 17.02
C LEU C 233 -12.31 -4.11 18.46
N LEU C 234 -12.93 -3.40 19.40
CA LEU C 234 -12.64 -3.59 20.83
C LEU C 234 -13.29 -4.87 21.42
N SER C 235 -14.43 -5.23 20.85
CA SER C 235 -15.20 -6.41 21.29
C SER C 235 -14.45 -7.72 21.00
N PRO C 236 -14.83 -8.81 21.68
CA PRO C 236 -14.25 -10.11 21.38
C PRO C 236 -14.53 -10.62 19.96
N LEU C 237 -15.48 -10.03 19.26
CA LEU C 237 -15.82 -10.46 17.89
C LEU C 237 -14.65 -10.23 16.97
N ALA C 238 -13.80 -9.26 17.32
CA ALA C 238 -12.62 -8.95 16.50
C ALA C 238 -11.35 -9.52 17.07
N SER C 239 -11.45 -10.61 17.84
CA SER C 239 -10.30 -11.17 18.54
C SER C 239 -9.12 -11.61 17.69
N GLY C 240 -9.30 -11.86 16.40
CA GLY C 240 -8.17 -12.17 15.55
C GLY C 240 -7.54 -11.00 14.77
N ILE C 241 -7.98 -9.77 15.08
CA ILE C 241 -7.60 -8.59 14.28
C ILE C 241 -6.72 -7.66 15.10
N THR C 242 -5.49 -7.44 14.62
CA THR C 242 -4.56 -6.54 15.28
C THR C 242 -3.58 -5.96 14.27
N GLY C 243 -3.12 -4.75 14.58
CA GLY C 243 -2.18 -4.03 13.75
C GLY C 243 -2.74 -3.42 12.48
N GLU C 244 -4.06 -3.36 12.40
CA GLU C 244 -4.75 -2.96 11.18
C GLU C 244 -5.16 -1.50 11.14
N VAL C 245 -5.20 -0.98 9.92
CA VAL C 245 -5.88 0.29 9.63
C VAL C 245 -7.12 -0.09 8.83
N VAL C 246 -8.28 0.05 9.46
CA VAL C 246 -9.57 -0.32 8.84
C VAL C 246 -10.29 0.95 8.46
N TYR C 247 -10.66 1.01 7.19
CA TYR C 247 -11.32 2.19 6.62
C TYR C 247 -12.82 2.12 6.76
N VAL C 248 -13.40 3.20 7.28
CA VAL C 248 -14.85 3.37 7.28
C VAL C 248 -15.06 4.70 6.58
N ASP C 249 -15.11 4.64 5.26
CA ASP C 249 -15.12 5.86 4.46
C ASP C 249 -16.04 5.83 3.24
N ALA C 250 -17.04 4.95 3.28
CA ALA C 250 -17.95 4.72 2.17
C ALA C 250 -17.24 4.27 0.89
N GLY C 251 -16.03 3.73 1.05
CA GLY C 251 -15.18 3.29 -0.07
C GLY C 251 -14.38 4.40 -0.76
N TYR C 252 -14.39 5.61 -0.23
CA TYR C 252 -13.73 6.73 -0.93
C TYR C 252 -12.28 6.42 -1.34
N HIS C 253 -11.51 5.87 -0.39
CA HIS C 253 -10.06 5.71 -0.62
C HIS C 253 -9.70 4.70 -1.70
N ILE C 254 -10.62 3.86 -2.15
CA ILE C 254 -10.34 2.91 -3.22
C ILE C 254 -10.48 3.53 -4.59
N MET C 255 -11.05 4.74 -4.66
CA MET C 255 -11.33 5.36 -5.96
C MET C 255 -10.10 6.03 -6.59
N GLY C 256 -10.04 5.94 -7.92
CA GLY C 256 -9.11 6.74 -8.69
C GLY C 256 -9.82 8.06 -8.98
N MET C 257 -9.05 9.09 -9.31
CA MET C 257 -9.66 10.37 -9.71
C MET C 257 -10.17 10.41 -11.17
N GLU C 258 -10.17 9.25 -11.83
CA GLU C 258 -10.61 9.07 -13.23
C GLU C 258 -10.17 10.22 -14.17
N MET D 1 -26.26 -3.89 26.58
CA MET D 1 -25.92 -4.74 25.39
C MET D 1 -26.46 -4.20 24.09
N LEU D 2 -25.73 -4.49 23.03
CA LEU D 2 -26.19 -4.21 21.69
C LEU D 2 -26.56 -5.55 21.06
N THR D 3 -27.57 -5.55 20.21
CA THR D 3 -27.94 -6.77 19.51
C THR D 3 -27.99 -6.54 18.00
N VAL D 4 -27.52 -7.53 17.26
CA VAL D 4 -27.66 -7.55 15.81
C VAL D 4 -28.62 -8.68 15.48
N ASP D 5 -29.79 -8.30 14.98
CA ASP D 5 -30.86 -9.22 14.65
C ASP D 5 -31.09 -9.25 13.14
N LEU D 6 -30.64 -10.32 12.50
CA LEU D 6 -30.80 -10.47 11.07
C LEU D 6 -31.96 -11.40 10.71
N SER D 7 -32.94 -11.55 11.62
CA SER D 7 -34.13 -12.30 11.26
C SER D 7 -34.80 -11.65 10.04
N GLY D 8 -35.32 -12.51 9.17
CA GLY D 8 -35.95 -12.10 7.94
C GLY D 8 -34.96 -11.85 6.79
N LYS D 9 -33.65 -11.91 7.06
CA LYS D 9 -32.66 -11.62 6.03
C LYS D 9 -32.25 -12.95 5.39
N LYS D 10 -31.83 -12.88 4.13
CA LYS D 10 -31.55 -14.04 3.29
C LYS D 10 -30.12 -14.00 2.74
N ALA D 11 -29.39 -15.11 2.99
CA ALA D 11 -27.99 -15.29 2.57
C ALA D 11 -27.86 -16.45 1.60
N LEU D 12 -27.05 -16.27 0.55
CA LEU D 12 -26.55 -17.36 -0.30
C LEU D 12 -25.05 -17.53 -0.03
N VAL D 13 -24.64 -18.73 0.36
CA VAL D 13 -23.26 -19.03 0.67
C VAL D 13 -22.75 -20.04 -0.34
N MET D 14 -21.66 -19.70 -1.01
CA MET D 14 -21.12 -20.47 -2.10
C MET D 14 -19.69 -20.93 -1.84
N GLY D 15 -19.39 -22.16 -2.25
CA GLY D 15 -18.05 -22.68 -2.18
C GLY D 15 -17.76 -23.57 -0.99
N VAL D 16 -18.77 -23.82 -0.16
CA VAL D 16 -18.58 -24.56 1.08
C VAL D 16 -18.68 -26.06 0.83
N THR D 17 -17.65 -26.81 1.24
CA THR D 17 -17.65 -28.28 1.12
C THR D 17 -17.45 -29.03 2.44
N ASN D 18 -17.16 -28.31 3.52
CA ASN D 18 -16.77 -28.94 4.77
C ASN D 18 -17.12 -28.00 5.93
N GLN D 19 -17.41 -28.59 7.09
CA GLN D 19 -17.72 -27.86 8.32
C GLN D 19 -16.55 -27.12 8.91
N ARG D 20 -15.35 -27.59 8.62
CA ARG D 20 -14.13 -26.95 9.08
C ARG D 20 -13.56 -26.16 7.92
N SER D 21 -14.26 -25.06 7.64
CA SER D 21 -13.89 -24.12 6.59
C SER D 21 -14.37 -22.75 7.00
N LEU D 22 -13.79 -21.74 6.35
CA LEU D 22 -14.13 -20.36 6.61
C LEU D 22 -15.51 -19.97 6.11
N GLY D 23 -15.91 -20.46 4.93
CA GLY D 23 -17.24 -20.21 4.44
C GLY D 23 -18.32 -20.80 5.35
N PHE D 24 -18.06 -22.00 5.86
CA PHE D 24 -19.01 -22.62 6.78
C PHE D 24 -19.12 -21.74 8.04
N ALA D 25 -17.98 -21.25 8.52
CA ALA D 25 -17.94 -20.44 9.72
C ALA D 25 -18.78 -19.17 9.56
N ILE D 26 -18.72 -18.53 8.40
CA ILE D 26 -19.55 -17.37 8.16
C ILE D 26 -21.05 -17.72 8.11
N ALA D 27 -21.38 -18.81 7.42
CA ALA D 27 -22.74 -19.27 7.32
C ALA D 27 -23.33 -19.50 8.70
N ALA D 28 -22.53 -20.08 9.57
CA ALA D 28 -22.97 -20.41 10.94
C ALA D 28 -23.27 -19.14 11.72
N LYS D 29 -22.42 -18.11 11.55
CA LYS D 29 -22.70 -16.87 12.26
C LYS D 29 -23.89 -16.12 11.73
N LEU D 30 -24.11 -16.19 10.43
CA LEU D 30 -25.30 -15.58 9.84
C LEU D 30 -26.55 -16.27 10.42
N LYS D 31 -26.50 -17.60 10.52
CA LYS D 31 -27.62 -18.35 11.12
C LYS D 31 -27.84 -17.87 12.55
N GLU D 32 -26.76 -17.78 13.31
CA GLU D 32 -26.86 -17.39 14.73
C GLU D 32 -27.46 -15.99 14.93
N ALA D 33 -27.16 -15.08 14.00
CA ALA D 33 -27.72 -13.75 14.00
C ALA D 33 -29.16 -13.69 13.51
N GLY D 34 -29.67 -14.80 12.96
CA GLY D 34 -31.08 -14.90 12.58
C GLY D 34 -31.38 -15.05 11.09
N ALA D 35 -30.35 -15.04 10.26
CA ALA D 35 -30.55 -15.12 8.82
C ALA D 35 -30.90 -16.53 8.36
N GLU D 36 -31.61 -16.62 7.26
CA GLU D 36 -31.79 -17.88 6.56
C GLU D 36 -30.69 -18.00 5.51
N VAL D 37 -30.24 -19.22 5.33
CA VAL D 37 -29.10 -19.55 4.47
C VAL D 37 -29.47 -20.56 3.42
N ALA D 38 -29.09 -20.27 2.18
CA ALA D 38 -29.08 -21.23 1.08
C ALA D 38 -27.60 -21.54 0.78
N LEU D 39 -27.24 -22.82 0.66
CA LEU D 39 -25.93 -23.25 0.21
C LEU D 39 -25.98 -23.75 -1.24
N SER D 40 -24.96 -23.38 -2.00
CA SER D 40 -24.75 -24.01 -3.30
C SER D 40 -23.89 -25.25 -3.16
N TYR D 41 -24.01 -26.15 -4.13
CA TYR D 41 -23.14 -27.31 -4.20
C TYR D 41 -22.92 -27.60 -5.68
N GLN D 42 -21.78 -28.17 -5.99
CA GLN D 42 -21.23 -28.07 -7.34
C GLN D 42 -21.83 -29.05 -8.32
N ALA D 43 -22.12 -30.25 -7.82
CA ALA D 43 -22.56 -31.36 -8.67
C ALA D 43 -23.45 -32.27 -7.85
N GLU D 44 -24.42 -32.88 -8.54
CA GLU D 44 -25.40 -33.74 -7.84
C GLU D 44 -24.83 -34.93 -7.08
N ARG D 45 -23.68 -35.44 -7.50
CA ARG D 45 -23.00 -36.52 -6.77
C ARG D 45 -22.54 -36.09 -5.35
N LEU D 46 -22.46 -34.78 -5.15
CA LEU D 46 -22.13 -34.21 -3.84
C LEU D 46 -23.36 -33.84 -3.02
N ARG D 47 -24.55 -34.20 -3.48
CA ARG D 47 -25.77 -33.90 -2.73
C ARG D 47 -25.72 -34.40 -1.28
N PRO D 48 -25.24 -35.65 -1.04
CA PRO D 48 -25.18 -36.14 0.36
C PRO D 48 -24.33 -35.28 1.26
N GLU D 49 -23.19 -34.86 0.74
CA GLU D 49 -22.28 -33.95 1.44
C GLU D 49 -22.95 -32.62 1.77
N ALA D 50 -23.63 -32.02 0.79
CA ALA D 50 -24.38 -30.79 0.95
C ALA D 50 -25.45 -30.94 2.03
N GLU D 51 -26.14 -32.08 2.00
CA GLU D 51 -27.20 -32.33 2.99
C GLU D 51 -26.66 -32.35 4.42
N LYS D 52 -25.49 -32.96 4.62
CA LYS D 52 -24.85 -33.02 5.93
C LYS D 52 -24.45 -31.62 6.40
N LEU D 53 -24.03 -30.76 5.47
CA LEU D 53 -23.70 -29.39 5.80
C LEU D 53 -24.93 -28.61 6.23
N ALA D 54 -26.01 -28.75 5.47
CA ALA D 54 -27.25 -28.08 5.74
C ALA D 54 -27.77 -28.45 7.14
N GLU D 55 -27.68 -29.74 7.48
CA GLU D 55 -28.10 -30.23 8.79
C GLU D 55 -27.24 -29.62 9.89
N ALA D 56 -25.92 -29.53 9.65
CA ALA D 56 -24.97 -28.94 10.60
C ALA D 56 -25.23 -27.47 10.87
N LEU D 57 -25.85 -26.76 9.93
CA LEU D 57 -26.32 -25.39 10.11
C LEU D 57 -27.68 -25.29 10.77
N GLY D 58 -28.33 -26.42 11.03
CA GLY D 58 -29.70 -26.44 11.53
C GLY D 58 -30.73 -26.16 10.47
N GLY D 59 -30.38 -26.44 9.20
CA GLY D 59 -31.27 -26.21 8.08
C GLY D 59 -30.80 -25.15 7.09
N ALA D 60 -30.81 -25.52 5.82
CA ALA D 60 -30.37 -24.63 4.77
C ALA D 60 -30.92 -25.19 3.47
N LEU D 61 -31.47 -24.31 2.63
CA LEU D 61 -31.87 -24.65 1.26
C LEU D 61 -30.63 -25.02 0.48
N LEU D 62 -30.76 -25.93 -0.48
CA LEU D 62 -29.62 -26.39 -1.26
C LEU D 62 -29.87 -26.19 -2.74
N PHE D 63 -28.86 -25.68 -3.44
CA PHE D 63 -28.97 -25.45 -4.89
C PHE D 63 -27.72 -25.90 -5.59
N ARG D 64 -27.87 -26.70 -6.65
CA ARG D 64 -26.76 -27.18 -7.48
C ARG D 64 -26.37 -26.15 -8.55
N ALA D 65 -25.08 -25.82 -8.61
CA ALA D 65 -24.54 -25.03 -9.71
C ALA D 65 -23.02 -25.11 -9.69
N ASP D 66 -22.44 -25.30 -10.86
CA ASP D 66 -20.99 -25.24 -11.04
C ASP D 66 -20.70 -23.85 -11.58
N VAL D 67 -19.80 -23.11 -10.91
CA VAL D 67 -19.65 -21.69 -11.19
C VAL D 67 -18.93 -21.40 -12.53
N THR D 68 -18.46 -22.45 -13.21
CA THR D 68 -17.96 -22.30 -14.58
C THR D 68 -19.05 -22.35 -15.67
N GLN D 69 -20.31 -22.59 -15.25
CA GLN D 69 -21.41 -22.80 -16.20
C GLN D 69 -22.47 -21.72 -16.04
N ASP D 70 -22.52 -20.80 -17.00
CA ASP D 70 -23.41 -19.65 -16.94
C ASP D 70 -24.90 -20.07 -16.85
N GLU D 71 -25.27 -21.09 -17.60
CA GLU D 71 -26.64 -21.61 -17.57
C GLU D 71 -27.02 -22.15 -16.20
N GLU D 72 -26.07 -22.80 -15.53
CA GLU D 72 -26.33 -23.33 -14.19
C GLU D 72 -26.44 -22.21 -13.17
N LEU D 73 -25.60 -21.18 -13.32
CA LEU D 73 -25.71 -20.00 -12.45
C LEU D 73 -27.05 -19.27 -12.65
N ASP D 74 -27.50 -19.16 -13.90
CA ASP D 74 -28.83 -18.61 -14.18
C ASP D 74 -29.92 -19.40 -13.40
N ALA D 75 -29.83 -20.73 -13.45
CA ALA D 75 -30.82 -21.61 -12.80
C ALA D 75 -30.81 -21.44 -11.29
N LEU D 76 -29.59 -21.39 -10.73
CA LEU D 76 -29.42 -21.15 -9.29
C LEU D 76 -30.10 -19.87 -8.82
N PHE D 77 -29.84 -18.76 -9.51
CA PHE D 77 -30.40 -17.50 -9.09
C PHE D 77 -31.92 -17.42 -9.31
N ALA D 78 -32.40 -18.12 -10.34
CA ALA D 78 -33.86 -18.26 -10.54
C ALA D 78 -34.49 -18.99 -9.35
N GLY D 79 -33.81 -20.04 -8.89
CA GLY D 79 -34.19 -20.84 -7.71
C GLY D 79 -34.16 -20.07 -6.40
N VAL D 80 -33.12 -19.25 -6.23
CA VAL D 80 -33.01 -18.42 -5.05
C VAL D 80 -34.13 -17.36 -5.08
N LYS D 81 -34.38 -16.78 -6.25
CA LYS D 81 -35.41 -15.77 -6.38
C LYS D 81 -36.76 -16.38 -5.99
N GLU D 82 -37.01 -17.61 -6.46
CA GLU D 82 -38.26 -18.33 -6.20
C GLU D 82 -38.44 -18.63 -4.72
N ALA D 83 -37.38 -19.13 -4.09
CA ALA D 83 -37.39 -19.47 -2.67
C ALA D 83 -37.43 -18.26 -1.73
N PHE D 84 -36.62 -17.24 -2.01
CA PHE D 84 -36.44 -16.13 -1.08
C PHE D 84 -37.12 -14.82 -1.52
N GLY D 85 -37.40 -14.66 -2.80
CA GLY D 85 -37.99 -13.43 -3.32
C GLY D 85 -36.97 -12.35 -3.63
N GLY D 86 -35.82 -12.45 -2.99
CA GLY D 86 -34.78 -11.45 -3.12
C GLY D 86 -33.65 -11.96 -2.24
N LEU D 87 -32.64 -11.12 -2.03
CA LEU D 87 -31.44 -11.59 -1.34
C LEU D 87 -30.86 -10.42 -0.58
N ASP D 88 -30.26 -10.72 0.55
CA ASP D 88 -29.56 -9.71 1.35
C ASP D 88 -28.05 -9.89 1.30
N TYR D 89 -27.59 -11.12 1.47
CA TYR D 89 -26.14 -11.38 1.56
C TYR D 89 -25.67 -12.49 0.62
N LEU D 90 -24.46 -12.33 0.07
CA LEU D 90 -23.83 -13.36 -0.70
C LEU D 90 -22.43 -13.55 -0.17
N VAL D 91 -22.11 -14.77 0.21
CA VAL D 91 -20.80 -15.15 0.73
C VAL D 91 -20.09 -15.99 -0.35
N HIS D 92 -19.01 -15.46 -0.87
CA HIS D 92 -18.24 -16.11 -1.91
C HIS D 92 -17.03 -16.73 -1.26
N ALA D 93 -17.06 -18.05 -1.06
CA ALA D 93 -15.95 -18.78 -0.49
C ALA D 93 -15.44 -19.82 -1.47
N ILE D 94 -15.33 -19.44 -2.73
CA ILE D 94 -14.90 -20.33 -3.81
C ILE D 94 -13.45 -20.08 -4.11
N ALA D 95 -12.65 -21.13 -4.09
CA ALA D 95 -11.23 -21.07 -4.44
C ALA D 95 -10.78 -22.42 -4.96
N PHE D 96 -10.13 -22.38 -6.12
CA PHE D 96 -9.60 -23.58 -6.75
C PHE D 96 -8.47 -23.28 -7.71
N ALA D 97 -7.43 -24.10 -7.64
CA ALA D 97 -6.43 -24.18 -8.71
C ALA D 97 -6.09 -25.65 -8.95
N PRO D 98 -5.88 -26.03 -10.23
CA PRO D 98 -5.51 -27.41 -10.48
C PRO D 98 -4.29 -27.85 -9.73
N ARG D 99 -4.27 -29.12 -9.33
CA ARG D 99 -3.20 -29.68 -8.54
C ARG D 99 -1.81 -29.42 -9.16
N GLU D 100 -1.72 -29.57 -10.48
CA GLU D 100 -0.46 -29.42 -11.22
C GLU D 100 0.08 -27.99 -11.11
N ALA D 101 -0.84 -27.02 -11.11
CA ALA D 101 -0.48 -25.61 -10.99
C ALA D 101 0.10 -25.30 -9.61
N MET D 102 -0.36 -26.02 -8.58
CA MET D 102 0.06 -25.77 -7.21
C MET D 102 1.32 -26.57 -6.82
N GLU D 103 1.71 -27.50 -7.68
CA GLU D 103 2.99 -28.19 -7.54
C GLU D 103 4.03 -27.40 -8.35
N GLY D 104 5.25 -27.31 -7.85
CA GLY D 104 6.31 -26.64 -8.61
C GLY D 104 6.20 -25.11 -8.64
N ARG D 105 6.56 -24.53 -9.79
CA ARG D 105 6.79 -23.08 -9.90
C ARG D 105 5.67 -22.38 -10.61
N TYR D 106 5.43 -21.15 -10.20
CA TYR D 106 4.47 -20.33 -10.90
C TYR D 106 4.80 -20.11 -12.38
N ILE D 107 6.08 -19.88 -12.68
CA ILE D 107 6.52 -19.64 -14.07
C ILE D 107 6.23 -20.85 -14.97
N ASP D 108 6.08 -22.03 -14.37
CA ASP D 108 5.80 -23.26 -15.15
C ASP D 108 4.31 -23.57 -15.28
N THR D 109 3.43 -22.66 -14.83
CA THR D 109 1.98 -22.89 -14.88
C THR D 109 1.51 -23.05 -16.33
N ARG D 110 0.79 -24.14 -16.60
CA ARG D 110 0.19 -24.34 -17.91
C ARG D 110 -0.98 -23.43 -18.16
N ARG D 111 -1.17 -23.06 -19.43
CA ARG D 111 -2.17 -22.10 -19.86
C ARG D 111 -3.58 -22.46 -19.38
N GLN D 112 -4.01 -23.71 -19.61
CA GLN D 112 -5.38 -24.07 -19.27
C GLN D 112 -5.59 -24.13 -17.75
N ASP D 113 -4.56 -24.58 -17.05
CA ASP D 113 -4.58 -24.60 -15.56
C ASP D 113 -4.69 -23.18 -14.99
N TRP D 114 -3.84 -22.29 -15.51
CA TRP D 114 -3.89 -20.86 -15.10
C TRP D 114 -5.27 -20.24 -15.29
N LEU D 115 -5.84 -20.41 -16.48
CA LEU D 115 -7.13 -19.86 -16.79
C LEU D 115 -8.23 -20.44 -15.90
N LEU D 116 -8.22 -21.74 -15.71
CA LEU D 116 -9.21 -22.38 -14.85
C LEU D 116 -9.16 -21.83 -13.43
N ALA D 117 -7.96 -21.68 -12.90
CA ALA D 117 -7.77 -21.07 -11.56
C ALA D 117 -8.36 -19.67 -11.48
N LEU D 118 -8.06 -18.84 -12.47
CA LEU D 118 -8.61 -17.49 -12.53
C LEU D 118 -10.12 -17.51 -12.72
N GLU D 119 -10.62 -18.44 -13.54
CA GLU D 119 -12.05 -18.53 -13.83
C GLU D 119 -12.85 -18.90 -12.59
N VAL D 120 -12.39 -19.89 -11.87
CA VAL D 120 -13.12 -20.40 -10.71
C VAL D 120 -12.91 -19.50 -9.50
N SER D 121 -11.67 -19.04 -9.31
CA SER D 121 -11.32 -18.31 -8.07
C SER D 121 -11.57 -16.80 -8.12
N ALA D 122 -11.63 -16.16 -9.31
CA ALA D 122 -11.81 -14.72 -9.42
C ALA D 122 -13.03 -14.35 -10.29
N TYR D 123 -13.10 -14.88 -11.51
CA TYR D 123 -14.25 -14.52 -12.38
C TYR D 123 -15.60 -14.92 -11.73
N SER D 124 -15.60 -16.01 -10.98
CA SER D 124 -16.83 -16.44 -10.33
C SER D 124 -17.46 -15.36 -9.47
N LEU D 125 -16.67 -14.50 -8.84
CA LEU D 125 -17.22 -13.41 -8.07
C LEU D 125 -18.03 -12.47 -8.95
N VAL D 126 -17.50 -12.16 -10.14
CA VAL D 126 -18.18 -11.29 -11.09
C VAL D 126 -19.49 -11.94 -11.57
N ALA D 127 -19.40 -13.23 -11.90
CA ALA D 127 -20.56 -13.96 -12.44
C ALA D 127 -21.69 -14.02 -11.44
N VAL D 128 -21.37 -14.28 -10.18
CA VAL D 128 -22.42 -14.33 -9.15
C VAL D 128 -22.90 -12.95 -8.72
N ALA D 129 -22.02 -11.95 -8.70
CA ALA D 129 -22.44 -10.59 -8.39
C ALA D 129 -23.43 -10.05 -9.41
N ARG D 130 -23.18 -10.31 -10.68
CA ARG D 130 -24.07 -9.79 -11.71
C ARG D 130 -25.48 -10.37 -11.53
N ARG D 131 -25.53 -11.66 -11.20
CA ARG D 131 -26.81 -12.34 -11.09
C ARG D 131 -27.50 -12.00 -9.78
N ALA D 132 -26.73 -11.71 -8.73
CA ALA D 132 -27.29 -11.29 -7.45
C ALA D 132 -27.84 -9.86 -7.49
N GLU D 133 -27.25 -9.00 -8.32
CA GLU D 133 -27.59 -7.57 -8.37
C GLU D 133 -29.08 -7.23 -8.31
N PRO D 134 -29.88 -7.78 -9.24
CA PRO D 134 -31.31 -7.45 -9.22
C PRO D 134 -32.08 -8.00 -8.02
N LEU D 135 -31.54 -9.02 -7.36
CA LEU D 135 -32.13 -9.59 -6.16
C LEU D 135 -31.74 -8.87 -4.88
N LEU D 136 -30.58 -8.19 -4.89
CA LEU D 136 -30.00 -7.68 -3.65
C LEU D 136 -30.74 -6.41 -3.18
N ARG D 137 -31.11 -6.43 -1.92
CA ARG D 137 -31.90 -5.36 -1.29
C ARG D 137 -30.94 -4.32 -0.73
N GLU D 138 -31.42 -3.09 -0.61
CA GLU D 138 -30.69 -2.02 0.09
C GLU D 138 -30.22 -2.54 1.44
N GLY D 139 -28.97 -2.20 1.78
CA GLY D 139 -28.34 -2.72 2.98
C GLY D 139 -27.62 -4.04 2.75
N GLY D 140 -27.77 -4.60 1.55
CA GLY D 140 -27.25 -5.91 1.20
C GLY D 140 -25.73 -5.88 0.98
N GLY D 141 -25.16 -7.07 0.81
CA GLY D 141 -23.71 -7.13 0.67
C GLY D 141 -23.20 -8.44 0.18
N ILE D 142 -21.97 -8.37 -0.32
CA ILE D 142 -21.21 -9.49 -0.80
C ILE D 142 -19.90 -9.45 -0.02
N VAL D 143 -19.48 -10.61 0.45
CA VAL D 143 -18.16 -10.82 1.08
C VAL D 143 -17.44 -12.02 0.48
N THR D 144 -16.15 -11.85 0.20
CA THR D 144 -15.34 -12.92 -0.34
C THR D 144 -14.13 -13.11 0.55
N LEU D 145 -13.45 -14.21 0.32
CA LEU D 145 -12.29 -14.61 1.11
C LEU D 145 -11.00 -14.50 0.29
N THR D 146 -9.95 -13.98 0.93
CA THR D 146 -8.67 -13.81 0.27
C THR D 146 -7.50 -14.16 1.19
N TYR D 147 -6.29 -13.92 0.71
CA TYR D 147 -5.08 -14.26 1.40
C TYR D 147 -3.99 -13.29 0.95
N TYR D 148 -3.11 -12.97 1.89
CA TYR D 148 -2.11 -11.93 1.71
C TYR D 148 -1.09 -12.16 0.58
N ALA D 149 -1.03 -13.39 0.07
CA ALA D 149 -0.23 -13.73 -1.10
C ALA D 149 -0.61 -12.89 -2.36
N SER D 150 -1.78 -12.25 -2.34
CA SER D 150 -2.11 -11.30 -3.39
C SER D 150 -1.07 -10.19 -3.53
N GLU D 151 -0.48 -9.80 -2.40
CA GLU D 151 0.45 -8.69 -2.35
C GLU D 151 1.90 -9.11 -2.09
N LYS D 152 2.11 -10.26 -1.47
CA LYS D 152 3.45 -10.74 -1.07
C LYS D 152 3.67 -12.13 -1.62
N VAL D 153 4.89 -12.42 -2.01
CA VAL D 153 5.17 -13.75 -2.56
C VAL D 153 5.19 -14.82 -1.47
N VAL D 154 4.22 -15.74 -1.54
CA VAL D 154 4.17 -16.95 -0.70
C VAL D 154 4.48 -18.13 -1.61
N PRO D 155 5.70 -18.68 -1.50
CA PRO D 155 6.04 -19.78 -2.38
C PRO D 155 5.06 -20.95 -2.29
N LYS D 156 4.80 -21.53 -3.45
CA LYS D 156 3.88 -22.66 -3.62
C LYS D 156 2.41 -22.26 -3.67
N TYR D 157 2.05 -21.03 -3.28
CA TYR D 157 0.68 -20.57 -3.45
C TYR D 157 0.45 -20.22 -4.95
N ASN D 158 1.53 -19.90 -5.66
CA ASN D 158 1.54 -19.86 -7.14
C ASN D 158 0.32 -19.13 -7.72
N VAL D 159 -0.39 -19.72 -8.68
CA VAL D 159 -1.46 -19.00 -9.35
C VAL D 159 -2.58 -18.58 -8.40
N MET D 160 -2.74 -19.22 -7.26
CA MET D 160 -3.79 -18.76 -6.35
C MET D 160 -3.52 -17.31 -5.85
N ALA D 161 -2.25 -16.95 -5.74
CA ALA D 161 -1.84 -15.57 -5.37
C ALA D 161 -2.36 -14.60 -6.42
N ILE D 162 -2.15 -14.97 -7.68
CA ILE D 162 -2.56 -14.15 -8.79
C ILE D 162 -4.07 -14.09 -8.86
N ALA D 163 -4.74 -15.19 -8.63
CA ALA D 163 -6.18 -15.19 -8.58
C ALA D 163 -6.69 -14.28 -7.45
N LYS D 164 -6.06 -14.28 -6.30
CA LYS D 164 -6.50 -13.41 -5.19
C LYS D 164 -6.25 -11.92 -5.51
N ALA D 165 -5.16 -11.60 -6.22
CA ALA D 165 -4.92 -10.23 -6.66
C ALA D 165 -6.10 -9.78 -7.58
N ALA D 166 -6.46 -10.63 -8.53
CA ALA D 166 -7.61 -10.37 -9.42
C ALA D 166 -8.93 -10.26 -8.66
N LEU D 167 -9.09 -11.09 -7.65
CA LEU D 167 -10.29 -11.09 -6.81
C LEU D 167 -10.40 -9.78 -6.03
N GLU D 168 -9.30 -9.32 -5.42
CA GLU D 168 -9.36 -8.09 -4.60
C GLU D 168 -9.64 -6.86 -5.49
N ALA D 169 -9.02 -6.83 -6.68
CA ALA D 169 -9.31 -5.74 -7.63
C ALA D 169 -10.76 -5.80 -8.03
N SER D 170 -11.30 -7.00 -8.19
CA SER D 170 -12.72 -7.20 -8.55
C SER D 170 -13.61 -6.67 -7.44
N VAL D 171 -13.23 -6.89 -6.20
CA VAL D 171 -13.96 -6.37 -5.06
C VAL D 171 -14.08 -4.85 -5.13
N ARG D 172 -12.99 -4.15 -5.42
CA ARG D 172 -13.01 -2.69 -5.51
C ARG D 172 -13.95 -2.21 -6.62
N TYR D 173 -13.80 -2.75 -7.82
CA TYR D 173 -14.68 -2.38 -8.92
C TYR D 173 -16.14 -2.69 -8.65
N LEU D 174 -16.44 -3.88 -8.13
CA LEU D 174 -17.84 -4.24 -7.81
C LEU D 174 -18.40 -3.36 -6.70
N ALA D 175 -17.58 -2.99 -5.70
CA ALA D 175 -18.01 -2.02 -4.70
C ALA D 175 -18.46 -0.69 -5.33
N TYR D 176 -17.70 -0.21 -6.30
CA TYR D 176 -18.04 0.99 -7.03
C TYR D 176 -19.36 0.82 -7.81
N GLU D 177 -19.52 -0.32 -8.46
CA GLU D 177 -20.69 -0.51 -9.35
C GLU D 177 -21.97 -0.83 -8.58
N LEU D 178 -21.85 -1.48 -7.42
CA LEU D 178 -23.03 -1.82 -6.62
C LEU D 178 -23.37 -0.78 -5.53
N GLY D 179 -22.43 0.10 -5.21
CA GLY D 179 -22.68 1.17 -4.25
C GLY D 179 -23.98 2.00 -4.41
N PRO D 180 -24.34 2.40 -5.65
CA PRO D 180 -25.61 3.14 -5.85
C PRO D 180 -26.86 2.45 -5.32
N LYS D 181 -26.86 1.12 -5.30
CA LYS D 181 -27.97 0.36 -4.75
C LYS D 181 -27.93 0.21 -3.25
N GLY D 182 -26.92 0.79 -2.61
CA GLY D 182 -26.75 0.63 -1.19
C GLY D 182 -26.26 -0.77 -0.84
N VAL D 183 -25.52 -1.39 -1.77
CA VAL D 183 -24.98 -2.72 -1.55
C VAL D 183 -23.45 -2.64 -1.40
N ARG D 184 -22.90 -3.35 -0.44
CA ARG D 184 -21.47 -3.25 -0.13
C ARG D 184 -20.75 -4.52 -0.57
N VAL D 185 -19.45 -4.38 -0.88
CA VAL D 185 -18.65 -5.52 -1.34
C VAL D 185 -17.31 -5.41 -0.64
N ASN D 186 -16.95 -6.44 0.11
CA ASN D 186 -15.70 -6.50 0.90
C ASN D 186 -15.01 -7.87 0.84
N ALA D 187 -13.72 -7.90 1.16
CA ALA D 187 -12.97 -9.14 1.23
C ALA D 187 -12.42 -9.30 2.64
N ILE D 188 -12.34 -10.57 3.06
CA ILE D 188 -11.71 -10.93 4.31
C ILE D 188 -10.41 -11.66 3.98
N SER D 189 -9.30 -11.10 4.39
CA SER D 189 -8.02 -11.78 4.18
C SER D 189 -7.66 -12.52 5.45
N ALA D 190 -7.82 -13.83 5.40
CA ALA D 190 -7.65 -14.69 6.56
C ALA D 190 -6.25 -15.31 6.64
N GLY D 191 -5.79 -15.51 7.86
CA GLY D 191 -4.63 -16.33 8.09
C GLY D 191 -5.01 -17.81 8.04
N PRO D 192 -4.00 -18.67 8.12
CA PRO D 192 -4.30 -20.09 8.13
C PRO D 192 -5.03 -20.54 9.38
N VAL D 193 -5.87 -21.57 9.22
CA VAL D 193 -6.56 -22.26 10.32
C VAL D 193 -6.30 -23.79 10.21
N TYR D 208 2.66 -22.94 9.91
CA TYR D 208 1.58 -22.87 10.90
C TYR D 208 2.12 -22.53 12.29
N ASP D 209 3.09 -23.32 12.75
CA ASP D 209 3.84 -22.98 13.96
C ASP D 209 4.67 -21.74 13.67
N ARG D 210 5.11 -21.59 12.42
CA ARG D 210 5.87 -20.40 12.00
C ARG D 210 4.96 -19.16 11.97
N VAL D 211 3.71 -19.33 11.54
CA VAL D 211 2.77 -18.22 11.63
C VAL D 211 2.54 -17.83 13.09
N ALA D 212 2.32 -18.82 13.96
CA ALA D 212 2.15 -18.56 15.37
C ALA D 212 3.37 -17.91 16.01
N GLN D 213 4.58 -18.22 15.56
CA GLN D 213 5.79 -17.62 16.15
C GLN D 213 6.01 -16.16 15.74
N THR D 214 5.52 -15.81 14.56
CA THR D 214 5.78 -14.49 13.99
C THR D 214 4.63 -13.51 14.24
N ALA D 215 3.40 -14.02 14.30
CA ALA D 215 2.22 -13.17 14.47
C ALA D 215 2.28 -12.42 15.81
N PRO D 216 1.91 -11.14 15.81
CA PRO D 216 1.84 -10.39 17.07
C PRO D 216 1.12 -11.09 18.24
N LEU D 217 -0.02 -11.72 17.97
CA LEU D 217 -0.77 -12.46 19.02
C LEU D 217 -0.15 -13.81 19.37
N ARG D 218 0.91 -14.20 18.66
CA ARG D 218 1.65 -15.44 18.91
C ARG D 218 0.77 -16.70 18.88
N ARG D 219 -0.20 -16.69 17.98
CA ARG D 219 -1.11 -17.81 17.78
C ARG D 219 -1.74 -17.68 16.42
N ASN D 220 -2.36 -18.74 15.96
CA ASN D 220 -3.16 -18.70 14.75
C ASN D 220 -4.55 -18.21 15.04
N ILE D 221 -5.23 -17.74 14.00
CA ILE D 221 -6.59 -17.37 14.11
C ILE D 221 -7.46 -18.65 14.09
N THR D 222 -8.70 -18.49 14.51
CA THR D 222 -9.69 -19.56 14.42
C THR D 222 -10.72 -19.30 13.30
N GLN D 223 -11.47 -20.35 12.91
CA GLN D 223 -12.51 -20.13 11.92
C GLN D 223 -13.63 -19.24 12.44
N GLU D 224 -13.90 -19.27 13.75
CA GLU D 224 -14.93 -18.44 14.35
C GLU D 224 -14.55 -16.96 14.26
N GLU D 225 -13.27 -16.66 14.35
CA GLU D 225 -12.78 -15.29 14.17
C GLU D 225 -13.07 -14.77 12.76
N VAL D 226 -12.94 -15.64 11.76
CA VAL D 226 -13.32 -15.29 10.40
C VAL D 226 -14.83 -15.14 10.29
N GLY D 227 -15.58 -16.08 10.86
CA GLY D 227 -17.02 -15.99 10.89
C GLY D 227 -17.56 -14.68 11.46
N ASN D 228 -16.98 -14.25 12.58
CA ASN D 228 -17.39 -13.00 13.24
C ASN D 228 -17.13 -11.74 12.40
N LEU D 229 -16.00 -11.72 11.71
CA LEU D 229 -15.69 -10.62 10.77
C LEU D 229 -16.67 -10.61 9.60
N GLY D 230 -17.00 -11.77 9.07
CA GLY D 230 -17.98 -11.85 7.98
C GLY D 230 -19.33 -11.38 8.40
N LEU D 231 -19.76 -11.80 9.58
CA LEU D 231 -21.03 -11.36 10.15
C LEU D 231 -21.01 -9.84 10.32
N PHE D 232 -19.94 -9.30 10.92
CA PHE D 232 -19.83 -7.84 11.08
C PHE D 232 -19.92 -7.13 9.76
N LEU D 233 -19.17 -7.57 8.74
CA LEU D 233 -19.20 -6.87 7.48
C LEU D 233 -20.56 -6.89 6.80
N LEU D 234 -21.30 -7.97 6.92
CA LEU D 234 -22.60 -8.08 6.26
C LEU D 234 -23.69 -7.36 7.07
N SER D 235 -23.47 -7.23 8.36
CA SER D 235 -24.45 -6.61 9.27
C SER D 235 -24.50 -5.10 9.07
N PRO D 236 -25.58 -4.44 9.58
CA PRO D 236 -25.68 -2.99 9.55
C PRO D 236 -24.61 -2.26 10.36
N LEU D 237 -23.94 -2.94 11.28
CA LEU D 237 -22.86 -2.31 12.04
C LEU D 237 -21.76 -1.82 11.12
N ALA D 238 -21.62 -2.45 9.95
CA ALA D 238 -20.57 -2.10 8.97
C ALA D 238 -21.06 -1.25 7.79
N SER D 239 -22.16 -0.50 7.96
CA SER D 239 -22.81 0.22 6.88
C SER D 239 -21.97 1.26 6.15
N GLY D 240 -20.91 1.73 6.78
CA GLY D 240 -20.02 2.68 6.14
C GLY D 240 -18.82 2.07 5.44
N ILE D 241 -18.72 0.73 5.42
CA ILE D 241 -17.50 0.04 4.96
C ILE D 241 -17.74 -0.73 3.69
N THR D 242 -17.05 -0.33 2.62
CA THR D 242 -17.17 -1.00 1.34
C THR D 242 -15.86 -0.89 0.57
N GLY D 243 -15.58 -1.92 -0.24
CA GLY D 243 -14.40 -1.96 -1.11
C GLY D 243 -13.13 -2.32 -0.34
N GLU D 244 -13.32 -2.82 0.89
CA GLU D 244 -12.19 -3.04 1.81
C GLU D 244 -11.69 -4.48 1.78
N VAL D 245 -10.40 -4.63 2.01
CA VAL D 245 -9.81 -5.92 2.34
C VAL D 245 -9.40 -5.85 3.82
N VAL D 246 -10.09 -6.62 4.66
CA VAL D 246 -9.88 -6.59 6.12
C VAL D 246 -9.14 -7.86 6.53
N TYR D 247 -8.01 -7.70 7.19
CA TYR D 247 -7.16 -8.82 7.60
C TYR D 247 -7.54 -9.36 8.95
N VAL D 248 -7.81 -10.66 9.01
CA VAL D 248 -8.03 -11.37 10.28
C VAL D 248 -6.97 -12.48 10.34
N ASP D 249 -5.81 -12.11 10.87
CA ASP D 249 -4.61 -12.94 10.78
C ASP D 249 -3.70 -12.87 11.98
N ALA D 250 -4.24 -12.43 13.12
CA ALA D 250 -3.48 -12.27 14.37
C ALA D 250 -2.33 -11.26 14.19
N GLY D 251 -2.47 -10.38 13.18
CA GLY D 251 -1.47 -9.37 12.84
C GLY D 251 -0.31 -9.86 12.00
N TYR D 252 -0.31 -11.12 11.57
CA TYR D 252 0.84 -11.66 10.88
C TYR D 252 1.41 -10.78 9.76
N HIS D 253 0.52 -10.30 8.92
CA HIS D 253 0.96 -9.61 7.71
C HIS D 253 1.56 -8.23 7.95
N ILE D 254 1.45 -7.71 9.17
CA ILE D 254 2.10 -6.43 9.47
C ILE D 254 3.60 -6.58 9.69
N MET D 255 4.07 -7.83 9.86
CA MET D 255 5.46 -8.11 10.17
C MET D 255 6.33 -8.02 8.92
N GLY D 256 7.50 -7.41 9.08
CA GLY D 256 8.46 -7.24 8.00
C GLY D 256 9.54 -8.30 7.96
N MET D 257 9.46 -9.25 8.88
CA MET D 257 10.24 -10.48 8.81
C MET D 257 9.68 -11.55 9.72
N GLU D 258 10.08 -12.78 9.42
CA GLU D 258 9.78 -13.94 10.26
C GLU D 258 10.57 -13.90 11.58
N LEU D 259 9.90 -14.33 12.64
CA LEU D 259 10.49 -14.48 13.96
C LEU D 259 10.58 -15.99 14.23
C1 GOL E . 21.11 15.00 16.71
O1 GOL E . 21.19 16.41 16.64
C2 GOL E . 22.38 14.36 16.16
O2 GOL E . 23.47 14.81 16.92
C3 GOL E . 22.53 14.65 14.67
O3 GOL E . 23.52 13.86 14.05
NA NA F . 14.59 2.42 25.17
NA NA G . -19.79 -5.17 -21.59
C1 GOL H . -1.69 21.04 23.75
O1 GOL H . -0.89 22.20 23.63
C2 GOL H . -2.91 21.09 22.83
O2 GOL H . -3.55 22.34 22.89
C3 GOL H . -3.87 19.96 23.22
O3 GOL H . -5.10 20.04 22.52
NA NA I . 3.19 -27.11 -12.18
#